data_1NPS
# 
_entry.id   1NPS 
# 
_audit_conform.dict_name       mmcif_pdbx.dic 
_audit_conform.dict_version    5.383 
_audit_conform.dict_location   http://mmcif.pdb.org/dictionaries/ascii/mmcif_pdbx.dic 
# 
loop_
_database_2.database_id 
_database_2.database_code 
_database_2.pdbx_database_accession 
_database_2.pdbx_DOI 
PDB   1NPS         pdb_00001nps 10.2210/pdb1nps/pdb 
RCSB  RCSB000438   ?            ?                   
WWPDB D_1000000438 ?            ?                   
# 
loop_
_pdbx_audit_revision_history.ordinal 
_pdbx_audit_revision_history.data_content_type 
_pdbx_audit_revision_history.major_revision 
_pdbx_audit_revision_history.minor_revision 
_pdbx_audit_revision_history.revision_date 
1 'Structure model' 1 0 2000-02-04 
2 'Structure model' 1 1 2008-04-26 
3 'Structure model' 1 2 2011-07-13 
4 'Structure model' 1 3 2023-12-27 
# 
_pdbx_audit_revision_details.ordinal             1 
_pdbx_audit_revision_details.revision_ordinal    1 
_pdbx_audit_revision_details.data_content_type   'Structure model' 
_pdbx_audit_revision_details.provider            repository 
_pdbx_audit_revision_details.type                'Initial release' 
_pdbx_audit_revision_details.description         ? 
_pdbx_audit_revision_details.details             ? 
# 
loop_
_pdbx_audit_revision_group.ordinal 
_pdbx_audit_revision_group.revision_ordinal 
_pdbx_audit_revision_group.data_content_type 
_pdbx_audit_revision_group.group 
1 2 'Structure model' 'Version format compliance' 
2 3 'Structure model' 'Version format compliance' 
3 4 'Structure model' 'Data collection'           
4 4 'Structure model' 'Database references'       
5 4 'Structure model' 'Derived calculations'      
# 
loop_
_pdbx_audit_revision_category.ordinal 
_pdbx_audit_revision_category.revision_ordinal 
_pdbx_audit_revision_category.data_content_type 
_pdbx_audit_revision_category.category 
1 4 'Structure model' chem_comp_atom         
2 4 'Structure model' chem_comp_bond         
3 4 'Structure model' database_2             
4 4 'Structure model' pdbx_struct_conn_angle 
5 4 'Structure model' struct_conn            
6 4 'Structure model' struct_site            
# 
loop_
_pdbx_audit_revision_item.ordinal 
_pdbx_audit_revision_item.revision_ordinal 
_pdbx_audit_revision_item.data_content_type 
_pdbx_audit_revision_item.item 
1  4 'Structure model' '_database_2.pdbx_DOI'                        
2  4 'Structure model' '_database_2.pdbx_database_accession'         
3  4 'Structure model' '_pdbx_struct_conn_angle.ptnr1_auth_comp_id'  
4  4 'Structure model' '_pdbx_struct_conn_angle.ptnr1_auth_seq_id'   
5  4 'Structure model' '_pdbx_struct_conn_angle.ptnr1_label_asym_id' 
6  4 'Structure model' '_pdbx_struct_conn_angle.ptnr1_label_atom_id' 
7  4 'Structure model' '_pdbx_struct_conn_angle.ptnr1_label_comp_id' 
8  4 'Structure model' '_pdbx_struct_conn_angle.ptnr1_label_seq_id'  
9  4 'Structure model' '_pdbx_struct_conn_angle.ptnr3_auth_comp_id'  
10 4 'Structure model' '_pdbx_struct_conn_angle.ptnr3_auth_seq_id'   
11 4 'Structure model' '_pdbx_struct_conn_angle.ptnr3_label_asym_id' 
12 4 'Structure model' '_pdbx_struct_conn_angle.ptnr3_label_atom_id' 
13 4 'Structure model' '_pdbx_struct_conn_angle.ptnr3_label_comp_id' 
14 4 'Structure model' '_pdbx_struct_conn_angle.ptnr3_label_seq_id'  
15 4 'Structure model' '_pdbx_struct_conn_angle.value'               
16 4 'Structure model' '_struct_conn.pdbx_dist_value'                
17 4 'Structure model' '_struct_conn.ptnr1_auth_comp_id'             
18 4 'Structure model' '_struct_conn.ptnr1_auth_seq_id'              
19 4 'Structure model' '_struct_conn.ptnr1_label_asym_id'            
20 4 'Structure model' '_struct_conn.ptnr1_label_atom_id'            
21 4 'Structure model' '_struct_conn.ptnr1_label_comp_id'            
22 4 'Structure model' '_struct_conn.ptnr1_label_seq_id'             
23 4 'Structure model' '_struct_conn.ptnr2_auth_comp_id'             
24 4 'Structure model' '_struct_conn.ptnr2_auth_seq_id'              
25 4 'Structure model' '_struct_conn.ptnr2_label_asym_id'            
26 4 'Structure model' '_struct_conn.ptnr2_label_atom_id'            
27 4 'Structure model' '_struct_conn.ptnr2_label_comp_id'            
28 4 'Structure model' '_struct_conn.ptnr2_label_seq_id'             
29 4 'Structure model' '_struct_site.pdbx_auth_asym_id'              
30 4 'Structure model' '_struct_site.pdbx_auth_comp_id'              
31 4 'Structure model' '_struct_site.pdbx_auth_seq_id'               
# 
_pdbx_database_status.status_code                     REL 
_pdbx_database_status.entry_id                        1NPS 
_pdbx_database_status.recvd_initial_deposition_date   1999-02-01 
_pdbx_database_status.deposit_site                    PDBE 
_pdbx_database_status.process_site                    RCSB 
_pdbx_database_status.SG_entry                        . 
_pdbx_database_status.pdb_format_compatible           Y 
_pdbx_database_status.status_code_mr                  ? 
_pdbx_database_status.status_code_sf                  ? 
_pdbx_database_status.status_code_cs                  ? 
_pdbx_database_status.status_code_nmr_data            ? 
_pdbx_database_status.methods_development_category    ? 
# 
loop_
_audit_author.name 
_audit_author.pdbx_ordinal 
'Wenk, M.'        1 
'Baumgartner, R.' 2 
'Mayer, E.M.'     3 
'Huber, R.'       4 
'Holak, T.A.'     5 
'Jaenicke, R.'    6 
# 
loop_
_citation.id 
_citation.title 
_citation.journal_abbrev 
_citation.journal_volume 
_citation.page_first 
_citation.page_last 
_citation.year 
_citation.journal_id_ASTM 
_citation.country 
_citation.journal_id_ISSN 
_citation.journal_id_CSD 
_citation.book_publisher 
_citation.pdbx_database_id_PubMed 
_citation.pdbx_database_id_DOI 
primary 'The domains of protein S from Myxococcus xanthus: structure, stability and interactions.' J.Mol.Biol. 286 1533 1545 1999 
JMOBAK UK 0022-2836 0070 ? 10064714 10.1006/jmbi.1999.2582 
1       'NMR-Derived Three-Dimensional Solution Structure of Protein S Complexed with Calcium'     Structure   2   107  ?    1994 
STRUE6 UK 0969-2126 2005 ? ?        ?                      
# 
loop_
_citation_author.citation_id 
_citation_author.name 
_citation_author.ordinal 
_citation_author.identifier_ORCID 
primary 'Wenk, M.'        1  ? 
primary 'Baumgartner, R.' 2  ? 
primary 'Holak, T.A.'     3  ? 
primary 'Huber, R.'       4  ? 
primary 'Jaenicke, R.'    5  ? 
primary 'Mayr, E.M.'      6  ? 
1       'Bagby, S.'       7  ? 
1       'Harvey, T.S.'    8  ? 
1       'Eagle, S.G.'     9  ? 
1       'Inouye, S.'      10 ? 
1       'Ikura, M.'       11 ? 
# 
loop_
_entity.id 
_entity.type 
_entity.src_method 
_entity.pdbx_description 
_entity.formula_weight 
_entity.pdbx_number_of_molecules 
_entity.pdbx_ec 
_entity.pdbx_mutation 
_entity.pdbx_fragment 
_entity.details 
1 polymer     man 'DEVELOPMENT-SPECIFIC PROTEIN S' 9389.440 1  ? ? 'N-TERMINAL DOMAIN: MOTIFS 1-2 AND LINKER' ? 
2 non-polymer syn 'CALCIUM ION'                    40.078   2  ? ? ?                                          ? 
3 water       nat water                            18.015   76 ? ? ?                                          ? 
# 
_entity_name_com.entity_id   1 
_entity_name_com.name        'SPORE COAT PROTEIN S' 
# 
_entity_poly.entity_id                      1 
_entity_poly.type                           'polypeptide(L)' 
_entity_poly.nstd_linkage                   no 
_entity_poly.nstd_monomer                   no 
_entity_poly.pdbx_seq_one_letter_code       
;ANITVFYNEDFQGKQVDLPPGNYTRAQLAALGIENNTISSVKVPPGVKAILYQNDGFAGDQIEVVANAEELGPLNNNVSS
IRVISVPV
;
_entity_poly.pdbx_seq_one_letter_code_can   
;ANITVFYNEDFQGKQVDLPPGNYTRAQLAALGIENNTISSVKVPPGVKAILYQNDGFAGDQIEVVANAEELGPLNNNVSS
IRVISVPV
;
_entity_poly.pdbx_strand_id                 A 
_entity_poly.pdbx_target_identifier         ? 
# 
loop_
_pdbx_entity_nonpoly.entity_id 
_pdbx_entity_nonpoly.name 
_pdbx_entity_nonpoly.comp_id 
2 'CALCIUM ION' CA  
3 water         HOH 
# 
loop_
_entity_poly_seq.entity_id 
_entity_poly_seq.num 
_entity_poly_seq.mon_id 
_entity_poly_seq.hetero 
1 1  ALA n 
1 2  ASN n 
1 3  ILE n 
1 4  THR n 
1 5  VAL n 
1 6  PHE n 
1 7  TYR n 
1 8  ASN n 
1 9  GLU n 
1 10 ASP n 
1 11 PHE n 
1 12 GLN n 
1 13 GLY n 
1 14 LYS n 
1 15 GLN n 
1 16 VAL n 
1 17 ASP n 
1 18 LEU n 
1 19 PRO n 
1 20 PRO n 
1 21 GLY n 
1 22 ASN n 
1 23 TYR n 
1 24 THR n 
1 25 ARG n 
1 26 ALA n 
1 27 GLN n 
1 28 LEU n 
1 29 ALA n 
1 30 ALA n 
1 31 LEU n 
1 32 GLY n 
1 33 ILE n 
1 34 GLU n 
1 35 ASN n 
1 36 ASN n 
1 37 THR n 
1 38 ILE n 
1 39 SER n 
1 40 SER n 
1 41 VAL n 
1 42 LYS n 
1 43 VAL n 
1 44 PRO n 
1 45 PRO n 
1 46 GLY n 
1 47 VAL n 
1 48 LYS n 
1 49 ALA n 
1 50 ILE n 
1 51 LEU n 
1 52 TYR n 
1 53 GLN n 
1 54 ASN n 
1 55 ASP n 
1 56 GLY n 
1 57 PHE n 
1 58 ALA n 
1 59 GLY n 
1 60 ASP n 
1 61 GLN n 
1 62 ILE n 
1 63 GLU n 
1 64 VAL n 
1 65 VAL n 
1 66 ALA n 
1 67 ASN n 
1 68 ALA n 
1 69 GLU n 
1 70 GLU n 
1 71 LEU n 
1 72 GLY n 
1 73 PRO n 
1 74 LEU n 
1 75 ASN n 
1 76 ASN n 
1 77 ASN n 
1 78 VAL n 
1 79 SER n 
1 80 SER n 
1 81 ILE n 
1 82 ARG n 
1 83 VAL n 
1 84 ILE n 
1 85 SER n 
1 86 VAL n 
1 87 PRO n 
1 88 VAL n 
# 
_entity_src_gen.entity_id                          1 
_entity_src_gen.pdbx_src_id                        1 
_entity_src_gen.pdbx_alt_source_flag               sample 
_entity_src_gen.pdbx_seq_type                      ? 
_entity_src_gen.pdbx_beg_seq_num                   ? 
_entity_src_gen.pdbx_end_seq_num                   ? 
_entity_src_gen.gene_src_common_name               ? 
_entity_src_gen.gene_src_genus                     Myxococcus 
_entity_src_gen.pdbx_gene_src_gene                 ? 
_entity_src_gen.gene_src_species                   ? 
_entity_src_gen.gene_src_strain                    ? 
_entity_src_gen.gene_src_tissue                    ? 
_entity_src_gen.gene_src_tissue_fraction           ? 
_entity_src_gen.gene_src_details                   ? 
_entity_src_gen.pdbx_gene_src_fragment             ? 
_entity_src_gen.pdbx_gene_src_scientific_name      'Myxococcus xanthus' 
_entity_src_gen.pdbx_gene_src_ncbi_taxonomy_id     34 
_entity_src_gen.pdbx_gene_src_variant              ? 
_entity_src_gen.pdbx_gene_src_cell_line            ? 
_entity_src_gen.pdbx_gene_src_atcc                 ? 
_entity_src_gen.pdbx_gene_src_organ                ? 
_entity_src_gen.pdbx_gene_src_organelle            ? 
_entity_src_gen.pdbx_gene_src_cell                 ? 
_entity_src_gen.pdbx_gene_src_cellular_location    CYTOSOL 
_entity_src_gen.host_org_common_name               ? 
_entity_src_gen.pdbx_host_org_scientific_name      'Escherichia coli BL21' 
_entity_src_gen.pdbx_host_org_ncbi_taxonomy_id     511693 
_entity_src_gen.host_org_genus                     Escherichia 
_entity_src_gen.pdbx_host_org_gene                 ? 
_entity_src_gen.pdbx_host_org_organ                ? 
_entity_src_gen.host_org_species                   'Escherichia coli' 
_entity_src_gen.pdbx_host_org_tissue               ? 
_entity_src_gen.pdbx_host_org_tissue_fraction      ? 
_entity_src_gen.pdbx_host_org_strain               BL21 
_entity_src_gen.pdbx_host_org_variant              ? 
_entity_src_gen.pdbx_host_org_cell_line            ? 
_entity_src_gen.pdbx_host_org_atcc                 ? 
_entity_src_gen.pdbx_host_org_culture_collection   ? 
_entity_src_gen.pdbx_host_org_cell                 ? 
_entity_src_gen.pdbx_host_org_organelle            ? 
_entity_src_gen.pdbx_host_org_cellular_location    CYTOPLASM 
_entity_src_gen.pdbx_host_org_vector_type          ? 
_entity_src_gen.pdbx_host_org_vector               ? 
_entity_src_gen.host_org_details                   ? 
_entity_src_gen.expression_system_id               ? 
_entity_src_gen.plasmid_name                       ? 
_entity_src_gen.plasmid_details                    ? 
_entity_src_gen.pdbx_description                   ? 
# 
loop_
_chem_comp.id 
_chem_comp.type 
_chem_comp.mon_nstd_flag 
_chem_comp.name 
_chem_comp.pdbx_synonyms 
_chem_comp.formula 
_chem_comp.formula_weight 
ALA 'L-peptide linking' y ALANINE         ? 'C3 H7 N O2'     89.093  
ARG 'L-peptide linking' y ARGININE        ? 'C6 H15 N4 O2 1' 175.209 
ASN 'L-peptide linking' y ASPARAGINE      ? 'C4 H8 N2 O3'    132.118 
ASP 'L-peptide linking' y 'ASPARTIC ACID' ? 'C4 H7 N O4'     133.103 
CA  non-polymer         . 'CALCIUM ION'   ? 'Ca 2'           40.078  
GLN 'L-peptide linking' y GLUTAMINE       ? 'C5 H10 N2 O3'   146.144 
GLU 'L-peptide linking' y 'GLUTAMIC ACID' ? 'C5 H9 N O4'     147.129 
GLY 'peptide linking'   y GLYCINE         ? 'C2 H5 N O2'     75.067  
HOH non-polymer         . WATER           ? 'H2 O'           18.015  
ILE 'L-peptide linking' y ISOLEUCINE      ? 'C6 H13 N O2'    131.173 
LEU 'L-peptide linking' y LEUCINE         ? 'C6 H13 N O2'    131.173 
LYS 'L-peptide linking' y LYSINE          ? 'C6 H15 N2 O2 1' 147.195 
PHE 'L-peptide linking' y PHENYLALANINE   ? 'C9 H11 N O2'    165.189 
PRO 'L-peptide linking' y PROLINE         ? 'C5 H9 N O2'     115.130 
SER 'L-peptide linking' y SERINE          ? 'C3 H7 N O3'     105.093 
THR 'L-peptide linking' y THREONINE       ? 'C4 H9 N O3'     119.119 
TYR 'L-peptide linking' y TYROSINE        ? 'C9 H11 N O3'    181.189 
VAL 'L-peptide linking' y VALINE          ? 'C5 H11 N O2'    117.146 
# 
loop_
_pdbx_poly_seq_scheme.asym_id 
_pdbx_poly_seq_scheme.entity_id 
_pdbx_poly_seq_scheme.seq_id 
_pdbx_poly_seq_scheme.mon_id 
_pdbx_poly_seq_scheme.ndb_seq_num 
_pdbx_poly_seq_scheme.pdb_seq_num 
_pdbx_poly_seq_scheme.auth_seq_num 
_pdbx_poly_seq_scheme.pdb_mon_id 
_pdbx_poly_seq_scheme.auth_mon_id 
_pdbx_poly_seq_scheme.pdb_strand_id 
_pdbx_poly_seq_scheme.pdb_ins_code 
_pdbx_poly_seq_scheme.hetero 
A 1 1  ALA 1  1  1  ALA ALA A . n 
A 1 2  ASN 2  2  2  ASN ASN A . n 
A 1 3  ILE 3  3  3  ILE ILE A . n 
A 1 4  THR 4  4  4  THR THR A . n 
A 1 5  VAL 5  5  5  VAL VAL A . n 
A 1 6  PHE 6  6  6  PHE PHE A . n 
A 1 7  TYR 7  7  7  TYR TYR A . n 
A 1 8  ASN 8  8  8  ASN ASN A . n 
A 1 9  GLU 9  9  9  GLU GLU A . n 
A 1 10 ASP 10 10 10 ASP ASP A . n 
A 1 11 PHE 11 11 11 PHE PHE A . n 
A 1 12 GLN 12 12 12 GLN GLN A . n 
A 1 13 GLY 13 13 13 GLY GLY A . n 
A 1 14 LYS 14 14 14 LYS LYS A . n 
A 1 15 GLN 15 15 15 GLN GLN A . n 
A 1 16 VAL 16 16 16 VAL VAL A . n 
A 1 17 ASP 17 17 17 ASP ASP A . n 
A 1 18 LEU 18 18 18 LEU LEU A . n 
A 1 19 PRO 19 19 19 PRO PRO A . n 
A 1 20 PRO 20 20 20 PRO PRO A . n 
A 1 21 GLY 21 21 21 GLY GLY A . n 
A 1 22 ASN 22 22 22 ASN ASN A . n 
A 1 23 TYR 23 23 23 TYR TYR A . n 
A 1 24 THR 24 24 24 THR THR A . n 
A 1 25 ARG 25 25 25 ARG ARG A . n 
A 1 26 ALA 26 26 26 ALA ALA A . n 
A 1 27 GLN 27 27 27 GLN GLN A . n 
A 1 28 LEU 28 28 28 LEU LEU A . n 
A 1 29 ALA 29 29 29 ALA ALA A . n 
A 1 30 ALA 30 30 30 ALA ALA A . n 
A 1 31 LEU 31 31 31 LEU LEU A . n 
A 1 32 GLY 32 32 32 GLY GLY A . n 
A 1 33 ILE 33 33 33 ILE ILE A . n 
A 1 34 GLU 34 34 34 GLU GLU A . n 
A 1 35 ASN 35 35 35 ASN ASN A . n 
A 1 36 ASN 36 36 36 ASN ASN A . n 
A 1 37 THR 37 37 37 THR THR A . n 
A 1 38 ILE 38 38 38 ILE ILE A . n 
A 1 39 SER 39 39 39 SER SER A . n 
A 1 40 SER 40 40 40 SER SER A . n 
A 1 41 VAL 41 41 41 VAL VAL A . n 
A 1 42 LYS 42 42 42 LYS LYS A . n 
A 1 43 VAL 43 43 43 VAL VAL A . n 
A 1 44 PRO 44 44 44 PRO PRO A . n 
A 1 45 PRO 45 45 45 PRO PRO A . n 
A 1 46 GLY 46 46 46 GLY GLY A . n 
A 1 47 VAL 47 47 47 VAL VAL A . n 
A 1 48 LYS 48 48 48 LYS LYS A . n 
A 1 49 ALA 49 49 49 ALA ALA A . n 
A 1 50 ILE 50 50 50 ILE ILE A . n 
A 1 51 LEU 51 51 51 LEU LEU A . n 
A 1 52 TYR 52 52 52 TYR TYR A . n 
A 1 53 GLN 53 53 53 GLN GLN A . n 
A 1 54 ASN 54 54 54 ASN ASN A . n 
A 1 55 ASP 55 55 55 ASP ASP A . n 
A 1 56 GLY 56 56 56 GLY GLY A . n 
A 1 57 PHE 57 57 57 PHE PHE A . n 
A 1 58 ALA 58 58 58 ALA ALA A . n 
A 1 59 GLY 59 59 59 GLY GLY A . n 
A 1 60 ASP 60 60 60 ASP ASP A . n 
A 1 61 GLN 61 61 61 GLN GLN A . n 
A 1 62 ILE 62 62 62 ILE ILE A . n 
A 1 63 GLU 63 63 63 GLU GLU A . n 
A 1 64 VAL 64 64 64 VAL VAL A . n 
A 1 65 VAL 65 65 65 VAL VAL A . n 
A 1 66 ALA 66 66 66 ALA ALA A . n 
A 1 67 ASN 67 67 67 ASN ASN A . n 
A 1 68 ALA 68 68 68 ALA ALA A . n 
A 1 69 GLU 69 69 69 GLU GLU A . n 
A 1 70 GLU 70 70 70 GLU GLU A . n 
A 1 71 LEU 71 71 71 LEU LEU A . n 
A 1 72 GLY 72 72 72 GLY GLY A . n 
A 1 73 PRO 73 73 73 PRO PRO A . n 
A 1 74 LEU 74 74 74 LEU LEU A . n 
A 1 75 ASN 75 75 75 ASN ASN A . n 
A 1 76 ASN 76 76 76 ASN ASN A . n 
A 1 77 ASN 77 77 77 ASN ASN A . n 
A 1 78 VAL 78 78 78 VAL VAL A . n 
A 1 79 SER 79 79 79 SER SER A . n 
A 1 80 SER 80 80 80 SER SER A . n 
A 1 81 ILE 81 81 81 ILE ILE A . n 
A 1 82 ARG 82 82 82 ARG ARG A . n 
A 1 83 VAL 83 83 83 VAL VAL A . n 
A 1 84 ILE 84 84 84 ILE ILE A . n 
A 1 85 SER 85 85 85 SER SER A . n 
A 1 86 VAL 86 86 86 VAL VAL A . n 
A 1 87 PRO 87 87 87 PRO PRO A . n 
A 1 88 VAL 88 88 88 VAL VAL A . n 
# 
loop_
_pdbx_nonpoly_scheme.asym_id 
_pdbx_nonpoly_scheme.entity_id 
_pdbx_nonpoly_scheme.mon_id 
_pdbx_nonpoly_scheme.ndb_seq_num 
_pdbx_nonpoly_scheme.pdb_seq_num 
_pdbx_nonpoly_scheme.auth_seq_num 
_pdbx_nonpoly_scheme.pdb_mon_id 
_pdbx_nonpoly_scheme.auth_mon_id 
_pdbx_nonpoly_scheme.pdb_strand_id 
_pdbx_nonpoly_scheme.pdb_ins_code 
B 2 CA  1  90  90  CA  CA  A . 
C 2 CA  1  145 145 CA  CA  A . 
D 3 HOH 1  89  89  HOH HOH A . 
D 3 HOH 2  91  91  HOH HOH A . 
D 3 HOH 3  92  92  HOH HOH A . 
D 3 HOH 4  93  93  HOH HOH A . 
D 3 HOH 5  94  94  HOH HOH A . 
D 3 HOH 6  95  95  HOH HOH A . 
D 3 HOH 7  96  96  HOH HOH A . 
D 3 HOH 8  97  97  HOH HOH A . 
D 3 HOH 9  98  98  HOH HOH A . 
D 3 HOH 10 99  99  HOH HOH A . 
D 3 HOH 11 100 100 HOH HOH A . 
D 3 HOH 12 101 101 HOH HOH A . 
D 3 HOH 13 102 102 HOH HOH A . 
D 3 HOH 14 103 103 HOH HOH A . 
D 3 HOH 15 104 104 HOH HOH A . 
D 3 HOH 16 105 105 HOH HOH A . 
D 3 HOH 17 106 106 HOH HOH A . 
D 3 HOH 18 107 107 HOH HOH A . 
D 3 HOH 19 108 108 HOH HOH A . 
D 3 HOH 20 109 109 HOH HOH A . 
D 3 HOH 21 110 110 HOH HOH A . 
D 3 HOH 22 111 111 HOH HOH A . 
D 3 HOH 23 112 112 HOH HOH A . 
D 3 HOH 24 113 113 HOH HOH A . 
D 3 HOH 25 114 114 HOH HOH A . 
D 3 HOH 26 115 115 HOH HOH A . 
D 3 HOH 27 116 116 HOH HOH A . 
D 3 HOH 28 117 117 HOH HOH A . 
D 3 HOH 29 118 118 HOH HOH A . 
D 3 HOH 30 119 119 HOH HOH A . 
D 3 HOH 31 120 120 HOH HOH A . 
D 3 HOH 32 121 121 HOH HOH A . 
D 3 HOH 33 122 122 HOH HOH A . 
D 3 HOH 34 123 123 HOH HOH A . 
D 3 HOH 35 124 124 HOH HOH A . 
D 3 HOH 36 125 125 HOH HOH A . 
D 3 HOH 37 126 126 HOH HOH A . 
D 3 HOH 38 127 127 HOH HOH A . 
D 3 HOH 39 128 128 HOH HOH A . 
D 3 HOH 40 129 129 HOH HOH A . 
D 3 HOH 41 130 130 HOH HOH A . 
D 3 HOH 42 131 131 HOH HOH A . 
D 3 HOH 43 132 132 HOH HOH A . 
D 3 HOH 44 133 133 HOH HOH A . 
D 3 HOH 45 134 134 HOH HOH A . 
D 3 HOH 46 135 135 HOH HOH A . 
D 3 HOH 47 136 136 HOH HOH A . 
D 3 HOH 48 137 137 HOH HOH A . 
D 3 HOH 49 138 138 HOH HOH A . 
D 3 HOH 50 139 139 HOH HOH A . 
D 3 HOH 51 140 140 HOH HOH A . 
D 3 HOH 52 141 141 HOH HOH A . 
D 3 HOH 53 142 142 HOH HOH A . 
D 3 HOH 54 143 143 HOH HOH A . 
D 3 HOH 55 144 144 HOH HOH A . 
D 3 HOH 56 146 146 HOH HOH A . 
D 3 HOH 57 147 147 HOH HOH A . 
D 3 HOH 58 148 148 HOH HOH A . 
D 3 HOH 59 149 149 HOH HOH A . 
D 3 HOH 60 150 150 HOH HOH A . 
D 3 HOH 61 151 151 HOH HOH A . 
D 3 HOH 62 152 152 HOH HOH A . 
D 3 HOH 63 153 153 HOH HOH A . 
D 3 HOH 64 154 154 HOH HOH A . 
D 3 HOH 65 155 155 HOH HOH A . 
D 3 HOH 66 156 156 HOH HOH A . 
D 3 HOH 67 157 157 HOH HOH A . 
D 3 HOH 68 158 158 HOH HOH A . 
D 3 HOH 69 159 159 HOH HOH A . 
D 3 HOH 70 160 160 HOH HOH A . 
D 3 HOH 71 161 161 HOH HOH A . 
D 3 HOH 72 162 162 HOH HOH A . 
D 3 HOH 73 163 163 HOH HOH A . 
D 3 HOH 74 164 164 HOH HOH A . 
D 3 HOH 75 165 165 HOH HOH A . 
D 3 HOH 76 166 166 HOH HOH A . 
# 
_pdbx_unobs_or_zero_occ_atoms.id               1 
_pdbx_unobs_or_zero_occ_atoms.PDB_model_num    1 
_pdbx_unobs_or_zero_occ_atoms.polymer_flag     Y 
_pdbx_unobs_or_zero_occ_atoms.occupancy_flag   1 
_pdbx_unobs_or_zero_occ_atoms.auth_asym_id     A 
_pdbx_unobs_or_zero_occ_atoms.auth_comp_id     VAL 
_pdbx_unobs_or_zero_occ_atoms.auth_seq_id      88 
_pdbx_unobs_or_zero_occ_atoms.PDB_ins_code     ? 
_pdbx_unobs_or_zero_occ_atoms.auth_atom_id     O 
_pdbx_unobs_or_zero_occ_atoms.label_alt_id     ? 
_pdbx_unobs_or_zero_occ_atoms.label_asym_id    A 
_pdbx_unobs_or_zero_occ_atoms.label_comp_id    VAL 
_pdbx_unobs_or_zero_occ_atoms.label_seq_id     88 
_pdbx_unobs_or_zero_occ_atoms.label_atom_id    O 
# 
loop_
_software.name 
_software.classification 
_software.version 
_software.citation_id 
_software.pdbx_ordinal 
AMoRE     phasing          . ? 1 
REFMAC    refinement       . ? 2 
DENZO     'data reduction' . ? 3 
SCALEPACK 'data scaling'   . ? 4 
# 
_cell.entry_id           1NPS 
_cell.length_a           28.360 
_cell.length_b           37.940 
_cell.length_c           37.260 
_cell.angle_alpha        90.00 
_cell.angle_beta         105.93 
_cell.angle_gamma        90.00 
_cell.Z_PDB              2 
_cell.pdbx_unique_axis   ? 
# 
_symmetry.entry_id                         1NPS 
_symmetry.space_group_name_H-M             'P 1 21 1' 
_symmetry.pdbx_full_space_group_name_H-M   ? 
_symmetry.cell_setting                     ? 
_symmetry.Int_Tables_number                4 
# 
_exptl.entry_id          1NPS 
_exptl.method            'X-RAY DIFFRACTION' 
_exptl.crystals_number   1 
# 
_exptl_crystal.id                    1 
_exptl_crystal.density_meas          ? 
_exptl_crystal.density_Matthews      2.05 
_exptl_crystal.density_percent_sol   40.05 
_exptl_crystal.description           ? 
# 
_exptl_crystal_grow.crystal_id      1 
_exptl_crystal_grow.method          ? 
_exptl_crystal_grow.temp            ? 
_exptl_crystal_grow.temp_details    ? 
_exptl_crystal_grow.pH              8.0 
_exptl_crystal_grow.pdbx_details    'pH 8.0' 
_exptl_crystal_grow.pdbx_pH_range   ? 
# 
_diffrn.id                     1 
_diffrn.ambient_temp           287 
_diffrn.ambient_temp_details   ? 
_diffrn.crystal_id             1 
# 
_diffrn_detector.diffrn_id              1 
_diffrn_detector.detector               'AREA DETECTOR' 
_diffrn_detector.type                   MARRESEARCH 
_diffrn_detector.pdbx_collection_date   1998-07 
_diffrn_detector.details                MIRRORS 
# 
_diffrn_radiation.diffrn_id                        1 
_diffrn_radiation.wavelength_id                    1 
_diffrn_radiation.pdbx_monochromatic_or_laue_m_l   M 
_diffrn_radiation.monochromator                    'NI FILTER' 
_diffrn_radiation.pdbx_diffrn_protocol             'SINGLE WAVELENGTH' 
_diffrn_radiation.pdbx_scattering_type             x-ray 
# 
_diffrn_radiation_wavelength.id           1 
_diffrn_radiation_wavelength.wavelength   1.54 
_diffrn_radiation_wavelength.wt           1.0 
# 
_diffrn_source.diffrn_id                   1 
_diffrn_source.source                      'ROTATING ANODE' 
_diffrn_source.type                        'RIGAKU RU200' 
_diffrn_source.pdbx_synchrotron_site       ? 
_diffrn_source.pdbx_synchrotron_beamline   ? 
_diffrn_source.pdbx_wavelength             1.54 
_diffrn_source.pdbx_wavelength_list        ? 
# 
_reflns.entry_id                     1NPS 
_reflns.observed_criterion_sigma_I   2 
_reflns.observed_criterion_sigma_F   ? 
_reflns.d_resolution_low             20.0 
_reflns.d_resolution_high            1.8 
_reflns.number_obs                   7166 
_reflns.number_all                   ? 
_reflns.percent_possible_obs         99 
_reflns.pdbx_Rmerge_I_obs            0.0800000 
_reflns.pdbx_Rsym_value              ? 
_reflns.pdbx_netI_over_sigmaI        ? 
_reflns.B_iso_Wilson_estimate        ? 
_reflns.pdbx_redundancy              2.3 
_reflns.R_free_details               ? 
_reflns.limit_h_max                  ? 
_reflns.limit_h_min                  ? 
_reflns.limit_k_max                  ? 
_reflns.limit_k_min                  ? 
_reflns.limit_l_max                  ? 
_reflns.limit_l_min                  ? 
_reflns.observed_criterion_F_max     ? 
_reflns.observed_criterion_F_min     ? 
_reflns.pdbx_diffrn_id               1 
_reflns.pdbx_ordinal                 1 
# 
_refine.entry_id                                 1NPS 
_refine.ls_number_reflns_obs                     7166 
_refine.ls_number_reflns_all                     ? 
_refine.pdbx_ls_sigma_I                          ? 
_refine.pdbx_ls_sigma_F                          1 
_refine.pdbx_data_cutoff_high_absF               ? 
_refine.pdbx_data_cutoff_low_absF                ? 
_refine.pdbx_data_cutoff_high_rms_absF           ? 
_refine.ls_d_res_low                             20 
_refine.ls_d_res_high                            1.8 
_refine.ls_percent_reflns_obs                    94 
_refine.ls_R_factor_obs                          ? 
_refine.ls_R_factor_all                          ? 
_refine.ls_R_factor_R_work                       0.2000000 
_refine.ls_R_factor_R_free                       0.2340000 
_refine.ls_R_factor_R_free_error                 ? 
_refine.ls_R_factor_R_free_error_details         ? 
_refine.ls_percent_reflns_R_free                 5 
_refine.ls_number_reflns_R_free                  ? 
_refine.ls_number_parameters                     ? 
_refine.ls_number_restraints                     ? 
_refine.occupancy_min                            ? 
_refine.occupancy_max                            ? 
_refine.B_iso_mean                               ? 
_refine.aniso_B[1][1]                            ? 
_refine.aniso_B[2][2]                            ? 
_refine.aniso_B[3][3]                            ? 
_refine.aniso_B[1][2]                            ? 
_refine.aniso_B[1][3]                            ? 
_refine.aniso_B[2][3]                            ? 
_refine.solvent_model_details                    ? 
_refine.solvent_model_param_ksol                 ? 
_refine.solvent_model_param_bsol                 ? 
_refine.pdbx_ls_cross_valid_method               THROUGHOUT 
_refine.details                                  ? 
_refine.pdbx_starting_model                      ? 
_refine.pdbx_method_to_determine_struct          'MOLECULAR REPLACEMENT' 
_refine.pdbx_isotropic_thermal_model             ? 
_refine.pdbx_stereochemistry_target_values       ? 
_refine.pdbx_stereochem_target_val_spec_case     ? 
_refine.pdbx_R_Free_selection_details            0.25 
_refine.pdbx_overall_ESU_R                       ? 
_refine.pdbx_overall_ESU_R_Free                  ? 
_refine.overall_SU_ML                            ? 
_refine.overall_SU_B                             ? 
_refine.ls_redundancy_reflns_obs                 ? 
_refine.B_iso_min                                ? 
_refine.B_iso_max                                ? 
_refine.correlation_coeff_Fo_to_Fc               ? 
_refine.correlation_coeff_Fo_to_Fc_free          ? 
_refine.overall_SU_R_Cruickshank_DPI             ? 
_refine.overall_SU_R_free                        ? 
_refine.pdbx_refine_id                           'X-RAY DIFFRACTION' 
_refine.pdbx_diffrn_id                           1 
_refine.pdbx_TLS_residual_ADP_flag               ? 
_refine.pdbx_solvent_vdw_probe_radii             ? 
_refine.pdbx_solvent_ion_probe_radii             ? 
_refine.pdbx_solvent_shrinkage_radii             ? 
_refine.pdbx_overall_phase_error                 ? 
_refine.pdbx_overall_SU_R_free_Cruickshank_DPI   ? 
_refine.pdbx_overall_SU_R_Blow_DPI               ? 
_refine.pdbx_overall_SU_R_free_Blow_DPI          ? 
# 
_refine_hist.pdbx_refine_id                   'X-RAY DIFFRACTION' 
_refine_hist.cycle_id                         LAST 
_refine_hist.pdbx_number_atoms_protein        662 
_refine_hist.pdbx_number_atoms_nucleic_acid   0 
_refine_hist.pdbx_number_atoms_ligand         2 
_refine_hist.number_atoms_solvent             76 
_refine_hist.number_atoms_total               740 
_refine_hist.d_res_high                       1.8 
_refine_hist.d_res_low                        20 
# 
loop_
_refine_ls_restr.type 
_refine_ls_restr.dev_ideal 
_refine_ls_restr.dev_ideal_target 
_refine_ls_restr.weight 
_refine_ls_restr.number 
_refine_ls_restr.pdbx_refine_id 
_refine_ls_restr.pdbx_restraint_function 
p_bond_d            0.003 ? ? ? 'X-RAY DIFFRACTION' ? 
p_angle_d           0.9   ? ? ? 'X-RAY DIFFRACTION' ? 
p_angle_deg         ?     ? ? ? 'X-RAY DIFFRACTION' ? 
p_planar_d          ?     ? ? ? 'X-RAY DIFFRACTION' ? 
p_hb_or_metal_coord ?     ? ? ? 'X-RAY DIFFRACTION' ? 
p_mcbond_it         ?     ? ? ? 'X-RAY DIFFRACTION' ? 
p_mcangle_it        ?     ? ? ? 'X-RAY DIFFRACTION' ? 
p_scbond_it         ?     ? ? ? 'X-RAY DIFFRACTION' ? 
p_scangle_it        ?     ? ? ? 'X-RAY DIFFRACTION' ? 
p_plane_restr       ?     ? ? ? 'X-RAY DIFFRACTION' ? 
p_chiral_restr      ?     ? ? ? 'X-RAY DIFFRACTION' ? 
p_singtor_nbd       ?     ? ? ? 'X-RAY DIFFRACTION' ? 
p_multtor_nbd       ?     ? ? ? 'X-RAY DIFFRACTION' ? 
p_xhyhbond_nbd      ?     ? ? ? 'X-RAY DIFFRACTION' ? 
p_xyhbond_nbd       ?     ? ? ? 'X-RAY DIFFRACTION' ? 
p_planar_tor        ?     ? ? ? 'X-RAY DIFFRACTION' ? 
p_staggered_tor     ?     ? ? ? 'X-RAY DIFFRACTION' ? 
p_orthonormal_tor   ?     ? ? ? 'X-RAY DIFFRACTION' ? 
p_transverse_tor    ?     ? ? ? 'X-RAY DIFFRACTION' ? 
p_special_tor       ?     ? ? ? 'X-RAY DIFFRACTION' ? 
# 
_struct.entry_id                  1NPS 
_struct.title                     'CRYSTAL STRUCTURE OF N-TERMINAL DOMAIN OF PROTEIN S' 
_struct.pdbx_model_details        ? 
_struct.pdbx_CASP_flag            ? 
_struct.pdbx_model_type_details   ? 
# 
_struct_keywords.entry_id        1NPS 
_struct_keywords.pdbx_keywords   'SIGNALING PROTEIN' 
_struct_keywords.text            'CRYSTALLINE LIKE STRUCTURE, SIGNALING PROTEIN' 
# 
loop_
_struct_asym.id 
_struct_asym.pdbx_blank_PDB_chainid_flag 
_struct_asym.pdbx_modified 
_struct_asym.entity_id 
_struct_asym.details 
A N N 1 ? 
B N N 2 ? 
C N N 2 ? 
D N N 3 ? 
# 
_struct_ref.id                         1 
_struct_ref.db_name                    UNP 
_struct_ref.db_code                    DESS_MYXXA 
_struct_ref.entity_id                  1 
_struct_ref.pdbx_db_accession          P02966 
_struct_ref.pdbx_align_begin           ? 
_struct_ref.pdbx_seq_one_letter_code   ? 
_struct_ref.pdbx_db_isoform            ? 
# 
_struct_ref_seq.align_id                      1 
_struct_ref_seq.ref_id                        1 
_struct_ref_seq.pdbx_PDB_id_code              1NPS 
_struct_ref_seq.pdbx_strand_id                A 
_struct_ref_seq.seq_align_beg                 1 
_struct_ref_seq.pdbx_seq_align_beg_ins_code   ? 
_struct_ref_seq.seq_align_end                 88 
_struct_ref_seq.pdbx_seq_align_end_ins_code   ? 
_struct_ref_seq.pdbx_db_accession             P02966 
_struct_ref_seq.db_align_beg                  2 
_struct_ref_seq.pdbx_db_align_beg_ins_code    ? 
_struct_ref_seq.db_align_end                  89 
_struct_ref_seq.pdbx_db_align_end_ins_code    ? 
_struct_ref_seq.pdbx_auth_seq_align_beg       1 
_struct_ref_seq.pdbx_auth_seq_align_end       88 
# 
_pdbx_struct_assembly.id                   1 
_pdbx_struct_assembly.details              author_defined_assembly 
_pdbx_struct_assembly.method_details       ? 
_pdbx_struct_assembly.oligomeric_details   monomeric 
_pdbx_struct_assembly.oligomeric_count     1 
# 
_pdbx_struct_assembly_gen.assembly_id       1 
_pdbx_struct_assembly_gen.oper_expression   1 
_pdbx_struct_assembly_gen.asym_id_list      A,B,C,D 
# 
_pdbx_struct_oper_list.id                   1 
_pdbx_struct_oper_list.type                 'identity operation' 
_pdbx_struct_oper_list.name                 1_555 
_pdbx_struct_oper_list.symmetry_operation   x,y,z 
_pdbx_struct_oper_list.matrix[1][1]         1.0000000000 
_pdbx_struct_oper_list.matrix[1][2]         0.0000000000 
_pdbx_struct_oper_list.matrix[1][3]         0.0000000000 
_pdbx_struct_oper_list.vector[1]            0.0000000000 
_pdbx_struct_oper_list.matrix[2][1]         0.0000000000 
_pdbx_struct_oper_list.matrix[2][2]         1.0000000000 
_pdbx_struct_oper_list.matrix[2][3]         0.0000000000 
_pdbx_struct_oper_list.vector[2]            0.0000000000 
_pdbx_struct_oper_list.matrix[3][1]         0.0000000000 
_pdbx_struct_oper_list.matrix[3][2]         0.0000000000 
_pdbx_struct_oper_list.matrix[3][3]         1.0000000000 
_pdbx_struct_oper_list.vector[3]            0.0000000000 
# 
_struct_biol.id                    1 
_struct_biol.pdbx_parent_biol_id   ? 
_struct_biol.details               ? 
# 
loop_
_struct_conf.conf_type_id 
_struct_conf.id 
_struct_conf.pdbx_PDB_helix_id 
_struct_conf.beg_label_comp_id 
_struct_conf.beg_label_asym_id 
_struct_conf.beg_label_seq_id 
_struct_conf.pdbx_beg_PDB_ins_code 
_struct_conf.end_label_comp_id 
_struct_conf.end_label_asym_id 
_struct_conf.end_label_seq_id 
_struct_conf.pdbx_end_PDB_ins_code 
_struct_conf.beg_auth_comp_id 
_struct_conf.beg_auth_asym_id 
_struct_conf.beg_auth_seq_id 
_struct_conf.end_auth_comp_id 
_struct_conf.end_auth_asym_id 
_struct_conf.end_auth_seq_id 
_struct_conf.pdbx_PDB_helix_class 
_struct_conf.details 
_struct_conf.pdbx_PDB_helix_length 
HELX_P HELX_P1 1 ARG A 25 ? LEU A 31 ? ARG A 25 LEU A 31 1 ? 7 
HELX_P HELX_P2 2 GLY A 72 ? LEU A 74 ? GLY A 72 LEU A 74 5 ? 3 
# 
_struct_conf_type.id          HELX_P 
_struct_conf_type.criteria    ? 
_struct_conf_type.reference   ? 
# 
loop_
_struct_conn.id 
_struct_conn.conn_type_id 
_struct_conn.pdbx_leaving_atom_flag 
_struct_conn.pdbx_PDB_id 
_struct_conn.ptnr1_label_asym_id 
_struct_conn.ptnr1_label_comp_id 
_struct_conn.ptnr1_label_seq_id 
_struct_conn.ptnr1_label_atom_id 
_struct_conn.pdbx_ptnr1_label_alt_id 
_struct_conn.pdbx_ptnr1_PDB_ins_code 
_struct_conn.pdbx_ptnr1_standard_comp_id 
_struct_conn.ptnr1_symmetry 
_struct_conn.ptnr2_label_asym_id 
_struct_conn.ptnr2_label_comp_id 
_struct_conn.ptnr2_label_seq_id 
_struct_conn.ptnr2_label_atom_id 
_struct_conn.pdbx_ptnr2_label_alt_id 
_struct_conn.pdbx_ptnr2_PDB_ins_code 
_struct_conn.ptnr1_auth_asym_id 
_struct_conn.ptnr1_auth_comp_id 
_struct_conn.ptnr1_auth_seq_id 
_struct_conn.ptnr2_auth_asym_id 
_struct_conn.ptnr2_auth_comp_id 
_struct_conn.ptnr2_auth_seq_id 
_struct_conn.ptnr2_symmetry 
_struct_conn.pdbx_ptnr3_label_atom_id 
_struct_conn.pdbx_ptnr3_label_seq_id 
_struct_conn.pdbx_ptnr3_label_comp_id 
_struct_conn.pdbx_ptnr3_label_asym_id 
_struct_conn.pdbx_ptnr3_label_alt_id 
_struct_conn.pdbx_ptnr3_PDB_ins_code 
_struct_conn.details 
_struct_conn.pdbx_dist_value 
_struct_conn.pdbx_value_order 
_struct_conn.pdbx_role 
metalc1  metalc ? ? A TYR 7  O   ? ? ? 1_555 B CA  . CA ? ? A TYR 7  A CA  90  1_555 ? ? ? ? ? ? ? 2.050 ? ? 
metalc2  metalc ? ? A ASN 36 OD1 ? ? ? 1_555 C CA  . CA ? ? A ASN 36 A CA  145 1_555 ? ? ? ? ? ? ? 2.224 ? ? 
metalc3  metalc ? ? A THR 37 O   ? ? ? 1_555 B CA  . CA ? ? A THR 37 A CA  90  1_555 ? ? ? ? ? ? ? 2.117 ? ? 
metalc4  metalc ? ? A SER 39 OG  ? ? ? 1_555 B CA  . CA ? ? A SER 39 A CA  90  1_555 ? ? ? ? ? ? ? 1.811 ? ? 
metalc5  metalc ? ? A GLN 53 O   ? ? ? 1_555 C CA  . CA ? ? A GLN 53 A CA  145 1_555 ? ? ? ? ? ? ? 2.413 ? ? 
metalc6  metalc ? ? A ASN 76 OD1 ? ? ? 1_555 B CA  . CA ? ? A ASN 76 A CA  90  1_555 ? ? ? ? ? ? ? 2.111 ? ? 
metalc7  metalc ? ? A ASN 77 O   ? ? ? 1_555 C CA  . CA ? ? A ASN 77 A CA  145 1_555 ? ? ? ? ? ? ? 3.369 ? ? 
metalc8  metalc ? ? A SER 79 OG  ? ? ? 1_555 C CA  . CA ? ? A SER 79 A CA  145 1_555 ? ? ? ? ? ? ? 2.116 ? ? 
metalc9  metalc ? ? B CA  .  CA  ? ? ? 1_555 D HOH . O  ? ? A CA  90 A HOH 166 1_555 ? ? ? ? ? ? ? 1.582 ? ? 
metalc10 metalc ? ? D HOH .  O   ? ? ? 1_555 C CA  . CA ? ? A HOH 92 A CA  145 1_555 ? ? ? ? ? ? ? 1.722 ? ? 
metalc11 metalc ? ? D HOH .  O   ? ? ? 1_555 C CA  . CA ? ? A HOH 93 A CA  145 1_555 ? ? ? ? ? ? ? 2.034 ? ? 
metalc12 metalc ? ? D HOH .  O   ? ? ? 1_555 C CA  . CA ? ? A HOH 99 A CA  145 1_555 ? ? ? ? ? ? ? 1.538 ? ? 
# 
_struct_conn_type.id          metalc 
_struct_conn_type.criteria    ? 
_struct_conn_type.reference   ? 
# 
loop_
_pdbx_struct_conn_angle.id 
_pdbx_struct_conn_angle.ptnr1_label_atom_id 
_pdbx_struct_conn_angle.ptnr1_label_alt_id 
_pdbx_struct_conn_angle.ptnr1_label_asym_id 
_pdbx_struct_conn_angle.ptnr1_label_comp_id 
_pdbx_struct_conn_angle.ptnr1_label_seq_id 
_pdbx_struct_conn_angle.ptnr1_auth_atom_id 
_pdbx_struct_conn_angle.ptnr1_auth_asym_id 
_pdbx_struct_conn_angle.ptnr1_auth_comp_id 
_pdbx_struct_conn_angle.ptnr1_auth_seq_id 
_pdbx_struct_conn_angle.ptnr1_PDB_ins_code 
_pdbx_struct_conn_angle.ptnr1_symmetry 
_pdbx_struct_conn_angle.ptnr2_label_atom_id 
_pdbx_struct_conn_angle.ptnr2_label_alt_id 
_pdbx_struct_conn_angle.ptnr2_label_asym_id 
_pdbx_struct_conn_angle.ptnr2_label_comp_id 
_pdbx_struct_conn_angle.ptnr2_label_seq_id 
_pdbx_struct_conn_angle.ptnr2_auth_atom_id 
_pdbx_struct_conn_angle.ptnr2_auth_asym_id 
_pdbx_struct_conn_angle.ptnr2_auth_comp_id 
_pdbx_struct_conn_angle.ptnr2_auth_seq_id 
_pdbx_struct_conn_angle.ptnr2_PDB_ins_code 
_pdbx_struct_conn_angle.ptnr2_symmetry 
_pdbx_struct_conn_angle.ptnr3_label_atom_id 
_pdbx_struct_conn_angle.ptnr3_label_alt_id 
_pdbx_struct_conn_angle.ptnr3_label_asym_id 
_pdbx_struct_conn_angle.ptnr3_label_comp_id 
_pdbx_struct_conn_angle.ptnr3_label_seq_id 
_pdbx_struct_conn_angle.ptnr3_auth_atom_id 
_pdbx_struct_conn_angle.ptnr3_auth_asym_id 
_pdbx_struct_conn_angle.ptnr3_auth_comp_id 
_pdbx_struct_conn_angle.ptnr3_auth_seq_id 
_pdbx_struct_conn_angle.ptnr3_PDB_ins_code 
_pdbx_struct_conn_angle.ptnr3_symmetry 
_pdbx_struct_conn_angle.value 
_pdbx_struct_conn_angle.value_esd 
1  O   ? A TYR 7  ? A TYR 7  ? 1_555 CA ? B CA . ? A CA 90  ? 1_555 O   ? A THR 37 ? A THR 37  ? 1_555 90.2  ? 
2  O   ? A TYR 7  ? A TYR 7  ? 1_555 CA ? B CA . ? A CA 90  ? 1_555 OG  ? A SER 39 ? A SER 39  ? 1_555 86.1  ? 
3  O   ? A THR 37 ? A THR 37 ? 1_555 CA ? B CA . ? A CA 90  ? 1_555 OG  ? A SER 39 ? A SER 39  ? 1_555 106.1 ? 
4  O   ? A TYR 7  ? A TYR 7  ? 1_555 CA ? B CA . ? A CA 90  ? 1_555 OD1 ? A ASN 76 ? A ASN 76  ? 1_555 172.3 ? 
5  O   ? A THR 37 ? A THR 37 ? 1_555 CA ? B CA . ? A CA 90  ? 1_555 OD1 ? A ASN 76 ? A ASN 76  ? 1_555 82.5  ? 
6  OG  ? A SER 39 ? A SER 39 ? 1_555 CA ? B CA . ? A CA 90  ? 1_555 OD1 ? A ASN 76 ? A ASN 76  ? 1_555 98.0  ? 
7  O   ? A TYR 7  ? A TYR 7  ? 1_555 CA ? B CA . ? A CA 90  ? 1_555 O   ? D HOH .  ? A HOH 166 ? 1_555 87.8  ? 
8  O   ? A THR 37 ? A THR 37 ? 1_555 CA ? B CA . ? A CA 90  ? 1_555 O   ? D HOH .  ? A HOH 166 ? 1_555 102.1 ? 
9  OG  ? A SER 39 ? A SER 39 ? 1_555 CA ? B CA . ? A CA 90  ? 1_555 O   ? D HOH .  ? A HOH 166 ? 1_555 151.2 ? 
10 OD1 ? A ASN 76 ? A ASN 76 ? 1_555 CA ? B CA . ? A CA 90  ? 1_555 O   ? D HOH .  ? A HOH 166 ? 1_555 91.6  ? 
11 OD1 ? A ASN 36 ? A ASN 36 ? 1_555 CA ? C CA . ? A CA 145 ? 1_555 O   ? A GLN 53 ? A GLN 53  ? 1_555 153.8 ? 
12 OD1 ? A ASN 36 ? A ASN 36 ? 1_555 CA ? C CA . ? A CA 145 ? 1_555 O   ? A ASN 77 ? A ASN 77  ? 1_555 80.1  ? 
13 O   ? A GLN 53 ? A GLN 53 ? 1_555 CA ? C CA . ? A CA 145 ? 1_555 O   ? A ASN 77 ? A ASN 77  ? 1_555 76.9  ? 
14 OD1 ? A ASN 36 ? A ASN 36 ? 1_555 CA ? C CA . ? A CA 145 ? 1_555 OG  ? A SER 79 ? A SER 79  ? 1_555 91.1  ? 
15 O   ? A GLN 53 ? A GLN 53 ? 1_555 CA ? C CA . ? A CA 145 ? 1_555 OG  ? A SER 79 ? A SER 79  ? 1_555 86.2  ? 
16 O   ? A ASN 77 ? A ASN 77 ? 1_555 CA ? C CA . ? A CA 145 ? 1_555 OG  ? A SER 79 ? A SER 79  ? 1_555 112.5 ? 
17 OD1 ? A ASN 36 ? A ASN 36 ? 1_555 CA ? C CA . ? A CA 145 ? 1_555 O   ? D HOH .  ? A HOH 92  ? 1_555 114.5 ? 
18 O   ? A GLN 53 ? A GLN 53 ? 1_555 CA ? C CA . ? A CA 145 ? 1_555 O   ? D HOH .  ? A HOH 92  ? 1_555 91.0  ? 
19 O   ? A ASN 77 ? A ASN 77 ? 1_555 CA ? C CA . ? A CA 145 ? 1_555 O   ? D HOH .  ? A HOH 92  ? 1_555 159.9 ? 
20 OG  ? A SER 79 ? A SER 79 ? 1_555 CA ? C CA . ? A CA 145 ? 1_555 O   ? D HOH .  ? A HOH 92  ? 1_555 82.1  ? 
21 OD1 ? A ASN 36 ? A ASN 36 ? 1_555 CA ? C CA . ? A CA 145 ? 1_555 O   ? D HOH .  ? A HOH 93  ? 1_555 97.1  ? 
22 O   ? A GLN 53 ? A GLN 53 ? 1_555 CA ? C CA . ? A CA 145 ? 1_555 O   ? D HOH .  ? A HOH 93  ? 1_555 90.4  ? 
23 O   ? A ASN 77 ? A ASN 77 ? 1_555 CA ? C CA . ? A CA 145 ? 1_555 O   ? D HOH .  ? A HOH 93  ? 1_555 78.0  ? 
24 OG  ? A SER 79 ? A SER 79 ? 1_555 CA ? C CA . ? A CA 145 ? 1_555 O   ? D HOH .  ? A HOH 93  ? 1_555 167.7 ? 
25 O   ? D HOH .  ? A HOH 92 ? 1_555 CA ? C CA . ? A CA 145 ? 1_555 O   ? D HOH .  ? A HOH 93  ? 1_555 86.2  ? 
26 OD1 ? A ASN 36 ? A ASN 36 ? 1_555 CA ? C CA . ? A CA 145 ? 1_555 O   ? D HOH .  ? A HOH 99  ? 1_555 80.3  ? 
27 O   ? A GLN 53 ? A GLN 53 ? 1_555 CA ? C CA . ? A CA 145 ? 1_555 O   ? D HOH .  ? A HOH 99  ? 1_555 73.7  ? 
28 O   ? A ASN 77 ? A ASN 77 ? 1_555 CA ? C CA . ? A CA 145 ? 1_555 O   ? D HOH .  ? A HOH 99  ? 1_555 34.4  ? 
29 OG  ? A SER 79 ? A SER 79 ? 1_555 CA ? C CA . ? A CA 145 ? 1_555 O   ? D HOH .  ? A HOH 99  ? 1_555 78.2  ? 
30 O   ? D HOH .  ? A HOH 92 ? 1_555 CA ? C CA . ? A CA 145 ? 1_555 O   ? D HOH .  ? A HOH 99  ? 1_555 155.6 ? 
31 O   ? D HOH .  ? A HOH 93 ? 1_555 CA ? C CA . ? A CA 145 ? 1_555 O   ? D HOH .  ? A HOH 99  ? 1_555 112.2 ? 
# 
loop_
_struct_sheet.id 
_struct_sheet.type 
_struct_sheet.number_strands 
_struct_sheet.details 
A ? 3 ? 
B ? 4 ? 
# 
loop_
_struct_sheet_order.sheet_id 
_struct_sheet_order.range_id_1 
_struct_sheet_order.range_id_2 
_struct_sheet_order.offset 
_struct_sheet_order.sense 
A 1 2 ? anti-parallel 
A 2 3 ? anti-parallel 
B 1 2 ? anti-parallel 
B 2 3 ? anti-parallel 
B 3 4 ? anti-parallel 
# 
loop_
_struct_sheet_range.sheet_id 
_struct_sheet_range.id 
_struct_sheet_range.beg_label_comp_id 
_struct_sheet_range.beg_label_asym_id 
_struct_sheet_range.beg_label_seq_id 
_struct_sheet_range.pdbx_beg_PDB_ins_code 
_struct_sheet_range.end_label_comp_id 
_struct_sheet_range.end_label_asym_id 
_struct_sheet_range.end_label_seq_id 
_struct_sheet_range.pdbx_end_PDB_ins_code 
_struct_sheet_range.beg_auth_comp_id 
_struct_sheet_range.beg_auth_asym_id 
_struct_sheet_range.beg_auth_seq_id 
_struct_sheet_range.end_auth_comp_id 
_struct_sheet_range.end_auth_asym_id 
_struct_sheet_range.end_auth_seq_id 
A 1 GLN A 15 ? LEU A 18 ? GLN A 15 LEU A 18 
A 2 ILE A 3  ? PHE A 6  ? ILE A 3  PHE A 6  
A 3 SER A 40 ? VAL A 43 ? SER A 40 VAL A 43 
B 1 GLY A 21 ? TYR A 23 ? GLY A 21 TYR A 23 
B 2 SER A 80 ? SER A 85 ? SER A 80 SER A 85 
B 3 VAL A 47 ? TYR A 52 ? VAL A 47 TYR A 52 
B 4 GLN A 61 ? VAL A 64 ? GLN A 61 VAL A 64 
# 
loop_
_pdbx_struct_sheet_hbond.sheet_id 
_pdbx_struct_sheet_hbond.range_id_1 
_pdbx_struct_sheet_hbond.range_id_2 
_pdbx_struct_sheet_hbond.range_1_label_atom_id 
_pdbx_struct_sheet_hbond.range_1_label_comp_id 
_pdbx_struct_sheet_hbond.range_1_label_asym_id 
_pdbx_struct_sheet_hbond.range_1_label_seq_id 
_pdbx_struct_sheet_hbond.range_1_PDB_ins_code 
_pdbx_struct_sheet_hbond.range_1_auth_atom_id 
_pdbx_struct_sheet_hbond.range_1_auth_comp_id 
_pdbx_struct_sheet_hbond.range_1_auth_asym_id 
_pdbx_struct_sheet_hbond.range_1_auth_seq_id 
_pdbx_struct_sheet_hbond.range_2_label_atom_id 
_pdbx_struct_sheet_hbond.range_2_label_comp_id 
_pdbx_struct_sheet_hbond.range_2_label_asym_id 
_pdbx_struct_sheet_hbond.range_2_label_seq_id 
_pdbx_struct_sheet_hbond.range_2_PDB_ins_code 
_pdbx_struct_sheet_hbond.range_2_auth_atom_id 
_pdbx_struct_sheet_hbond.range_2_auth_comp_id 
_pdbx_struct_sheet_hbond.range_2_auth_asym_id 
_pdbx_struct_sheet_hbond.range_2_auth_seq_id 
A 1 2 O VAL A 16 ? O VAL A 16 N VAL A 5  ? N VAL A 5  
A 2 3 O THR A 4  ? O THR A 4  N LYS A 42 ? N LYS A 42 
B 1 2 O GLY A 21 ? O GLY A 21 N VAL A 83 ? N VAL A 83 
B 2 3 O SER A 80 ? O SER A 80 N TYR A 52 ? N TYR A 52 
B 3 4 O ALA A 49 ? O ALA A 49 N VAL A 64 ? N VAL A 64 
# 
loop_
_struct_site.id 
_struct_site.pdbx_evidence_code 
_struct_site.pdbx_auth_asym_id 
_struct_site.pdbx_auth_comp_id 
_struct_site.pdbx_auth_seq_id 
_struct_site.pdbx_auth_ins_code 
_struct_site.pdbx_num_residues 
_struct_site.details 
AC1 Software A CA 90  ? 5 'BINDING SITE FOR RESIDUE CA A 90'  
AC2 Software A CA 145 ? 7 'BINDING SITE FOR RESIDUE CA A 145' 
# 
loop_
_struct_site_gen.id 
_struct_site_gen.site_id 
_struct_site_gen.pdbx_num_res 
_struct_site_gen.label_comp_id 
_struct_site_gen.label_asym_id 
_struct_site_gen.label_seq_id 
_struct_site_gen.pdbx_auth_ins_code 
_struct_site_gen.auth_comp_id 
_struct_site_gen.auth_asym_id 
_struct_site_gen.auth_seq_id 
_struct_site_gen.label_atom_id 
_struct_site_gen.label_alt_id 
_struct_site_gen.symmetry 
_struct_site_gen.details 
1  AC1 5 TYR A 7  ? TYR A 7   . ? 1_555 ? 
2  AC1 5 THR A 37 ? THR A 37  . ? 1_555 ? 
3  AC1 5 SER A 39 ? SER A 39  . ? 1_555 ? 
4  AC1 5 ASN A 76 ? ASN A 76  . ? 1_555 ? 
5  AC1 5 HOH D .  ? HOH A 166 . ? 1_555 ? 
6  AC2 7 ASN A 36 ? ASN A 36  . ? 1_555 ? 
7  AC2 7 GLN A 53 ? GLN A 53  . ? 1_555 ? 
8  AC2 7 ASN A 77 ? ASN A 77  . ? 1_555 ? 
9  AC2 7 SER A 79 ? SER A 79  . ? 1_555 ? 
10 AC2 7 HOH D .  ? HOH A 92  . ? 1_555 ? 
11 AC2 7 HOH D .  ? HOH A 93  . ? 1_555 ? 
12 AC2 7 HOH D .  ? HOH A 99  . ? 1_555 ? 
# 
_pdbx_validate_rmsd_angle.id                         1 
_pdbx_validate_rmsd_angle.PDB_model_num              1 
_pdbx_validate_rmsd_angle.auth_atom_id_1             C 
_pdbx_validate_rmsd_angle.auth_asym_id_1             A 
_pdbx_validate_rmsd_angle.auth_comp_id_1             VAL 
_pdbx_validate_rmsd_angle.auth_seq_id_1              86 
_pdbx_validate_rmsd_angle.PDB_ins_code_1             ? 
_pdbx_validate_rmsd_angle.label_alt_id_1             ? 
_pdbx_validate_rmsd_angle.auth_atom_id_2             N 
_pdbx_validate_rmsd_angle.auth_asym_id_2             A 
_pdbx_validate_rmsd_angle.auth_comp_id_2             PRO 
_pdbx_validate_rmsd_angle.auth_seq_id_2              87 
_pdbx_validate_rmsd_angle.PDB_ins_code_2             ? 
_pdbx_validate_rmsd_angle.label_alt_id_2             ? 
_pdbx_validate_rmsd_angle.auth_atom_id_3             CA 
_pdbx_validate_rmsd_angle.auth_asym_id_3             A 
_pdbx_validate_rmsd_angle.auth_comp_id_3             PRO 
_pdbx_validate_rmsd_angle.auth_seq_id_3              87 
_pdbx_validate_rmsd_angle.PDB_ins_code_3             ? 
_pdbx_validate_rmsd_angle.label_alt_id_3             ? 
_pdbx_validate_rmsd_angle.angle_value                128.90 
_pdbx_validate_rmsd_angle.angle_target_value         119.30 
_pdbx_validate_rmsd_angle.angle_deviation            9.60 
_pdbx_validate_rmsd_angle.angle_standard_deviation   1.50 
_pdbx_validate_rmsd_angle.linker_flag                Y 
# 
loop_
_pdbx_validate_torsion.id 
_pdbx_validate_torsion.PDB_model_num 
_pdbx_validate_torsion.auth_comp_id 
_pdbx_validate_torsion.auth_asym_id 
_pdbx_validate_torsion.auth_seq_id 
_pdbx_validate_torsion.PDB_ins_code 
_pdbx_validate_torsion.label_alt_id 
_pdbx_validate_torsion.phi 
_pdbx_validate_torsion.psi 
1 1 ASN A 77 ? ? -149.39 23.03  
2 1 PRO A 87 ? ? -9.80   -65.99 
# 
loop_
_chem_comp_atom.comp_id 
_chem_comp_atom.atom_id 
_chem_comp_atom.type_symbol 
_chem_comp_atom.pdbx_aromatic_flag 
_chem_comp_atom.pdbx_stereo_config 
_chem_comp_atom.pdbx_ordinal 
ALA N    N  N N 1   
ALA CA   C  N S 2   
ALA C    C  N N 3   
ALA O    O  N N 4   
ALA CB   C  N N 5   
ALA OXT  O  N N 6   
ALA H    H  N N 7   
ALA H2   H  N N 8   
ALA HA   H  N N 9   
ALA HB1  H  N N 10  
ALA HB2  H  N N 11  
ALA HB3  H  N N 12  
ALA HXT  H  N N 13  
ARG N    N  N N 14  
ARG CA   C  N S 15  
ARG C    C  N N 16  
ARG O    O  N N 17  
ARG CB   C  N N 18  
ARG CG   C  N N 19  
ARG CD   C  N N 20  
ARG NE   N  N N 21  
ARG CZ   C  N N 22  
ARG NH1  N  N N 23  
ARG NH2  N  N N 24  
ARG OXT  O  N N 25  
ARG H    H  N N 26  
ARG H2   H  N N 27  
ARG HA   H  N N 28  
ARG HB2  H  N N 29  
ARG HB3  H  N N 30  
ARG HG2  H  N N 31  
ARG HG3  H  N N 32  
ARG HD2  H  N N 33  
ARG HD3  H  N N 34  
ARG HE   H  N N 35  
ARG HH11 H  N N 36  
ARG HH12 H  N N 37  
ARG HH21 H  N N 38  
ARG HH22 H  N N 39  
ARG HXT  H  N N 40  
ASN N    N  N N 41  
ASN CA   C  N S 42  
ASN C    C  N N 43  
ASN O    O  N N 44  
ASN CB   C  N N 45  
ASN CG   C  N N 46  
ASN OD1  O  N N 47  
ASN ND2  N  N N 48  
ASN OXT  O  N N 49  
ASN H    H  N N 50  
ASN H2   H  N N 51  
ASN HA   H  N N 52  
ASN HB2  H  N N 53  
ASN HB3  H  N N 54  
ASN HD21 H  N N 55  
ASN HD22 H  N N 56  
ASN HXT  H  N N 57  
ASP N    N  N N 58  
ASP CA   C  N S 59  
ASP C    C  N N 60  
ASP O    O  N N 61  
ASP CB   C  N N 62  
ASP CG   C  N N 63  
ASP OD1  O  N N 64  
ASP OD2  O  N N 65  
ASP OXT  O  N N 66  
ASP H    H  N N 67  
ASP H2   H  N N 68  
ASP HA   H  N N 69  
ASP HB2  H  N N 70  
ASP HB3  H  N N 71  
ASP HD2  H  N N 72  
ASP HXT  H  N N 73  
CA  CA   CA N N 74  
GLN N    N  N N 75  
GLN CA   C  N S 76  
GLN C    C  N N 77  
GLN O    O  N N 78  
GLN CB   C  N N 79  
GLN CG   C  N N 80  
GLN CD   C  N N 81  
GLN OE1  O  N N 82  
GLN NE2  N  N N 83  
GLN OXT  O  N N 84  
GLN H    H  N N 85  
GLN H2   H  N N 86  
GLN HA   H  N N 87  
GLN HB2  H  N N 88  
GLN HB3  H  N N 89  
GLN HG2  H  N N 90  
GLN HG3  H  N N 91  
GLN HE21 H  N N 92  
GLN HE22 H  N N 93  
GLN HXT  H  N N 94  
GLU N    N  N N 95  
GLU CA   C  N S 96  
GLU C    C  N N 97  
GLU O    O  N N 98  
GLU CB   C  N N 99  
GLU CG   C  N N 100 
GLU CD   C  N N 101 
GLU OE1  O  N N 102 
GLU OE2  O  N N 103 
GLU OXT  O  N N 104 
GLU H    H  N N 105 
GLU H2   H  N N 106 
GLU HA   H  N N 107 
GLU HB2  H  N N 108 
GLU HB3  H  N N 109 
GLU HG2  H  N N 110 
GLU HG3  H  N N 111 
GLU HE2  H  N N 112 
GLU HXT  H  N N 113 
GLY N    N  N N 114 
GLY CA   C  N N 115 
GLY C    C  N N 116 
GLY O    O  N N 117 
GLY OXT  O  N N 118 
GLY H    H  N N 119 
GLY H2   H  N N 120 
GLY HA2  H  N N 121 
GLY HA3  H  N N 122 
GLY HXT  H  N N 123 
HOH O    O  N N 124 
HOH H1   H  N N 125 
HOH H2   H  N N 126 
ILE N    N  N N 127 
ILE CA   C  N S 128 
ILE C    C  N N 129 
ILE O    O  N N 130 
ILE CB   C  N S 131 
ILE CG1  C  N N 132 
ILE CG2  C  N N 133 
ILE CD1  C  N N 134 
ILE OXT  O  N N 135 
ILE H    H  N N 136 
ILE H2   H  N N 137 
ILE HA   H  N N 138 
ILE HB   H  N N 139 
ILE HG12 H  N N 140 
ILE HG13 H  N N 141 
ILE HG21 H  N N 142 
ILE HG22 H  N N 143 
ILE HG23 H  N N 144 
ILE HD11 H  N N 145 
ILE HD12 H  N N 146 
ILE HD13 H  N N 147 
ILE HXT  H  N N 148 
LEU N    N  N N 149 
LEU CA   C  N S 150 
LEU C    C  N N 151 
LEU O    O  N N 152 
LEU CB   C  N N 153 
LEU CG   C  N N 154 
LEU CD1  C  N N 155 
LEU CD2  C  N N 156 
LEU OXT  O  N N 157 
LEU H    H  N N 158 
LEU H2   H  N N 159 
LEU HA   H  N N 160 
LEU HB2  H  N N 161 
LEU HB3  H  N N 162 
LEU HG   H  N N 163 
LEU HD11 H  N N 164 
LEU HD12 H  N N 165 
LEU HD13 H  N N 166 
LEU HD21 H  N N 167 
LEU HD22 H  N N 168 
LEU HD23 H  N N 169 
LEU HXT  H  N N 170 
LYS N    N  N N 171 
LYS CA   C  N S 172 
LYS C    C  N N 173 
LYS O    O  N N 174 
LYS CB   C  N N 175 
LYS CG   C  N N 176 
LYS CD   C  N N 177 
LYS CE   C  N N 178 
LYS NZ   N  N N 179 
LYS OXT  O  N N 180 
LYS H    H  N N 181 
LYS H2   H  N N 182 
LYS HA   H  N N 183 
LYS HB2  H  N N 184 
LYS HB3  H  N N 185 
LYS HG2  H  N N 186 
LYS HG3  H  N N 187 
LYS HD2  H  N N 188 
LYS HD3  H  N N 189 
LYS HE2  H  N N 190 
LYS HE3  H  N N 191 
LYS HZ1  H  N N 192 
LYS HZ2  H  N N 193 
LYS HZ3  H  N N 194 
LYS HXT  H  N N 195 
PHE N    N  N N 196 
PHE CA   C  N S 197 
PHE C    C  N N 198 
PHE O    O  N N 199 
PHE CB   C  N N 200 
PHE CG   C  Y N 201 
PHE CD1  C  Y N 202 
PHE CD2  C  Y N 203 
PHE CE1  C  Y N 204 
PHE CE2  C  Y N 205 
PHE CZ   C  Y N 206 
PHE OXT  O  N N 207 
PHE H    H  N N 208 
PHE H2   H  N N 209 
PHE HA   H  N N 210 
PHE HB2  H  N N 211 
PHE HB3  H  N N 212 
PHE HD1  H  N N 213 
PHE HD2  H  N N 214 
PHE HE1  H  N N 215 
PHE HE2  H  N N 216 
PHE HZ   H  N N 217 
PHE HXT  H  N N 218 
PRO N    N  N N 219 
PRO CA   C  N S 220 
PRO C    C  N N 221 
PRO O    O  N N 222 
PRO CB   C  N N 223 
PRO CG   C  N N 224 
PRO CD   C  N N 225 
PRO OXT  O  N N 226 
PRO H    H  N N 227 
PRO HA   H  N N 228 
PRO HB2  H  N N 229 
PRO HB3  H  N N 230 
PRO HG2  H  N N 231 
PRO HG3  H  N N 232 
PRO HD2  H  N N 233 
PRO HD3  H  N N 234 
PRO HXT  H  N N 235 
SER N    N  N N 236 
SER CA   C  N S 237 
SER C    C  N N 238 
SER O    O  N N 239 
SER CB   C  N N 240 
SER OG   O  N N 241 
SER OXT  O  N N 242 
SER H    H  N N 243 
SER H2   H  N N 244 
SER HA   H  N N 245 
SER HB2  H  N N 246 
SER HB3  H  N N 247 
SER HG   H  N N 248 
SER HXT  H  N N 249 
THR N    N  N N 250 
THR CA   C  N S 251 
THR C    C  N N 252 
THR O    O  N N 253 
THR CB   C  N R 254 
THR OG1  O  N N 255 
THR CG2  C  N N 256 
THR OXT  O  N N 257 
THR H    H  N N 258 
THR H2   H  N N 259 
THR HA   H  N N 260 
THR HB   H  N N 261 
THR HG1  H  N N 262 
THR HG21 H  N N 263 
THR HG22 H  N N 264 
THR HG23 H  N N 265 
THR HXT  H  N N 266 
TYR N    N  N N 267 
TYR CA   C  N S 268 
TYR C    C  N N 269 
TYR O    O  N N 270 
TYR CB   C  N N 271 
TYR CG   C  Y N 272 
TYR CD1  C  Y N 273 
TYR CD2  C  Y N 274 
TYR CE1  C  Y N 275 
TYR CE2  C  Y N 276 
TYR CZ   C  Y N 277 
TYR OH   O  N N 278 
TYR OXT  O  N N 279 
TYR H    H  N N 280 
TYR H2   H  N N 281 
TYR HA   H  N N 282 
TYR HB2  H  N N 283 
TYR HB3  H  N N 284 
TYR HD1  H  N N 285 
TYR HD2  H  N N 286 
TYR HE1  H  N N 287 
TYR HE2  H  N N 288 
TYR HH   H  N N 289 
TYR HXT  H  N N 290 
VAL N    N  N N 291 
VAL CA   C  N S 292 
VAL C    C  N N 293 
VAL O    O  N N 294 
VAL CB   C  N N 295 
VAL CG1  C  N N 296 
VAL CG2  C  N N 297 
VAL OXT  O  N N 298 
VAL H    H  N N 299 
VAL H2   H  N N 300 
VAL HA   H  N N 301 
VAL HB   H  N N 302 
VAL HG11 H  N N 303 
VAL HG12 H  N N 304 
VAL HG13 H  N N 305 
VAL HG21 H  N N 306 
VAL HG22 H  N N 307 
VAL HG23 H  N N 308 
VAL HXT  H  N N 309 
# 
loop_
_chem_comp_bond.comp_id 
_chem_comp_bond.atom_id_1 
_chem_comp_bond.atom_id_2 
_chem_comp_bond.value_order 
_chem_comp_bond.pdbx_aromatic_flag 
_chem_comp_bond.pdbx_stereo_config 
_chem_comp_bond.pdbx_ordinal 
ALA N   CA   sing N N 1   
ALA N   H    sing N N 2   
ALA N   H2   sing N N 3   
ALA CA  C    sing N N 4   
ALA CA  CB   sing N N 5   
ALA CA  HA   sing N N 6   
ALA C   O    doub N N 7   
ALA C   OXT  sing N N 8   
ALA CB  HB1  sing N N 9   
ALA CB  HB2  sing N N 10  
ALA CB  HB3  sing N N 11  
ALA OXT HXT  sing N N 12  
ARG N   CA   sing N N 13  
ARG N   H    sing N N 14  
ARG N   H2   sing N N 15  
ARG CA  C    sing N N 16  
ARG CA  CB   sing N N 17  
ARG CA  HA   sing N N 18  
ARG C   O    doub N N 19  
ARG C   OXT  sing N N 20  
ARG CB  CG   sing N N 21  
ARG CB  HB2  sing N N 22  
ARG CB  HB3  sing N N 23  
ARG CG  CD   sing N N 24  
ARG CG  HG2  sing N N 25  
ARG CG  HG3  sing N N 26  
ARG CD  NE   sing N N 27  
ARG CD  HD2  sing N N 28  
ARG CD  HD3  sing N N 29  
ARG NE  CZ   sing N N 30  
ARG NE  HE   sing N N 31  
ARG CZ  NH1  sing N N 32  
ARG CZ  NH2  doub N N 33  
ARG NH1 HH11 sing N N 34  
ARG NH1 HH12 sing N N 35  
ARG NH2 HH21 sing N N 36  
ARG NH2 HH22 sing N N 37  
ARG OXT HXT  sing N N 38  
ASN N   CA   sing N N 39  
ASN N   H    sing N N 40  
ASN N   H2   sing N N 41  
ASN CA  C    sing N N 42  
ASN CA  CB   sing N N 43  
ASN CA  HA   sing N N 44  
ASN C   O    doub N N 45  
ASN C   OXT  sing N N 46  
ASN CB  CG   sing N N 47  
ASN CB  HB2  sing N N 48  
ASN CB  HB3  sing N N 49  
ASN CG  OD1  doub N N 50  
ASN CG  ND2  sing N N 51  
ASN ND2 HD21 sing N N 52  
ASN ND2 HD22 sing N N 53  
ASN OXT HXT  sing N N 54  
ASP N   CA   sing N N 55  
ASP N   H    sing N N 56  
ASP N   H2   sing N N 57  
ASP CA  C    sing N N 58  
ASP CA  CB   sing N N 59  
ASP CA  HA   sing N N 60  
ASP C   O    doub N N 61  
ASP C   OXT  sing N N 62  
ASP CB  CG   sing N N 63  
ASP CB  HB2  sing N N 64  
ASP CB  HB3  sing N N 65  
ASP CG  OD1  doub N N 66  
ASP CG  OD2  sing N N 67  
ASP OD2 HD2  sing N N 68  
ASP OXT HXT  sing N N 69  
GLN N   CA   sing N N 70  
GLN N   H    sing N N 71  
GLN N   H2   sing N N 72  
GLN CA  C    sing N N 73  
GLN CA  CB   sing N N 74  
GLN CA  HA   sing N N 75  
GLN C   O    doub N N 76  
GLN C   OXT  sing N N 77  
GLN CB  CG   sing N N 78  
GLN CB  HB2  sing N N 79  
GLN CB  HB3  sing N N 80  
GLN CG  CD   sing N N 81  
GLN CG  HG2  sing N N 82  
GLN CG  HG3  sing N N 83  
GLN CD  OE1  doub N N 84  
GLN CD  NE2  sing N N 85  
GLN NE2 HE21 sing N N 86  
GLN NE2 HE22 sing N N 87  
GLN OXT HXT  sing N N 88  
GLU N   CA   sing N N 89  
GLU N   H    sing N N 90  
GLU N   H2   sing N N 91  
GLU CA  C    sing N N 92  
GLU CA  CB   sing N N 93  
GLU CA  HA   sing N N 94  
GLU C   O    doub N N 95  
GLU C   OXT  sing N N 96  
GLU CB  CG   sing N N 97  
GLU CB  HB2  sing N N 98  
GLU CB  HB3  sing N N 99  
GLU CG  CD   sing N N 100 
GLU CG  HG2  sing N N 101 
GLU CG  HG3  sing N N 102 
GLU CD  OE1  doub N N 103 
GLU CD  OE2  sing N N 104 
GLU OE2 HE2  sing N N 105 
GLU OXT HXT  sing N N 106 
GLY N   CA   sing N N 107 
GLY N   H    sing N N 108 
GLY N   H2   sing N N 109 
GLY CA  C    sing N N 110 
GLY CA  HA2  sing N N 111 
GLY CA  HA3  sing N N 112 
GLY C   O    doub N N 113 
GLY C   OXT  sing N N 114 
GLY OXT HXT  sing N N 115 
HOH O   H1   sing N N 116 
HOH O   H2   sing N N 117 
ILE N   CA   sing N N 118 
ILE N   H    sing N N 119 
ILE N   H2   sing N N 120 
ILE CA  C    sing N N 121 
ILE CA  CB   sing N N 122 
ILE CA  HA   sing N N 123 
ILE C   O    doub N N 124 
ILE C   OXT  sing N N 125 
ILE CB  CG1  sing N N 126 
ILE CB  CG2  sing N N 127 
ILE CB  HB   sing N N 128 
ILE CG1 CD1  sing N N 129 
ILE CG1 HG12 sing N N 130 
ILE CG1 HG13 sing N N 131 
ILE CG2 HG21 sing N N 132 
ILE CG2 HG22 sing N N 133 
ILE CG2 HG23 sing N N 134 
ILE CD1 HD11 sing N N 135 
ILE CD1 HD12 sing N N 136 
ILE CD1 HD13 sing N N 137 
ILE OXT HXT  sing N N 138 
LEU N   CA   sing N N 139 
LEU N   H    sing N N 140 
LEU N   H2   sing N N 141 
LEU CA  C    sing N N 142 
LEU CA  CB   sing N N 143 
LEU CA  HA   sing N N 144 
LEU C   O    doub N N 145 
LEU C   OXT  sing N N 146 
LEU CB  CG   sing N N 147 
LEU CB  HB2  sing N N 148 
LEU CB  HB3  sing N N 149 
LEU CG  CD1  sing N N 150 
LEU CG  CD2  sing N N 151 
LEU CG  HG   sing N N 152 
LEU CD1 HD11 sing N N 153 
LEU CD1 HD12 sing N N 154 
LEU CD1 HD13 sing N N 155 
LEU CD2 HD21 sing N N 156 
LEU CD2 HD22 sing N N 157 
LEU CD2 HD23 sing N N 158 
LEU OXT HXT  sing N N 159 
LYS N   CA   sing N N 160 
LYS N   H    sing N N 161 
LYS N   H2   sing N N 162 
LYS CA  C    sing N N 163 
LYS CA  CB   sing N N 164 
LYS CA  HA   sing N N 165 
LYS C   O    doub N N 166 
LYS C   OXT  sing N N 167 
LYS CB  CG   sing N N 168 
LYS CB  HB2  sing N N 169 
LYS CB  HB3  sing N N 170 
LYS CG  CD   sing N N 171 
LYS CG  HG2  sing N N 172 
LYS CG  HG3  sing N N 173 
LYS CD  CE   sing N N 174 
LYS CD  HD2  sing N N 175 
LYS CD  HD3  sing N N 176 
LYS CE  NZ   sing N N 177 
LYS CE  HE2  sing N N 178 
LYS CE  HE3  sing N N 179 
LYS NZ  HZ1  sing N N 180 
LYS NZ  HZ2  sing N N 181 
LYS NZ  HZ3  sing N N 182 
LYS OXT HXT  sing N N 183 
PHE N   CA   sing N N 184 
PHE N   H    sing N N 185 
PHE N   H2   sing N N 186 
PHE CA  C    sing N N 187 
PHE CA  CB   sing N N 188 
PHE CA  HA   sing N N 189 
PHE C   O    doub N N 190 
PHE C   OXT  sing N N 191 
PHE CB  CG   sing N N 192 
PHE CB  HB2  sing N N 193 
PHE CB  HB3  sing N N 194 
PHE CG  CD1  doub Y N 195 
PHE CG  CD2  sing Y N 196 
PHE CD1 CE1  sing Y N 197 
PHE CD1 HD1  sing N N 198 
PHE CD2 CE2  doub Y N 199 
PHE CD2 HD2  sing N N 200 
PHE CE1 CZ   doub Y N 201 
PHE CE1 HE1  sing N N 202 
PHE CE2 CZ   sing Y N 203 
PHE CE2 HE2  sing N N 204 
PHE CZ  HZ   sing N N 205 
PHE OXT HXT  sing N N 206 
PRO N   CA   sing N N 207 
PRO N   CD   sing N N 208 
PRO N   H    sing N N 209 
PRO CA  C    sing N N 210 
PRO CA  CB   sing N N 211 
PRO CA  HA   sing N N 212 
PRO C   O    doub N N 213 
PRO C   OXT  sing N N 214 
PRO CB  CG   sing N N 215 
PRO CB  HB2  sing N N 216 
PRO CB  HB3  sing N N 217 
PRO CG  CD   sing N N 218 
PRO CG  HG2  sing N N 219 
PRO CG  HG3  sing N N 220 
PRO CD  HD2  sing N N 221 
PRO CD  HD3  sing N N 222 
PRO OXT HXT  sing N N 223 
SER N   CA   sing N N 224 
SER N   H    sing N N 225 
SER N   H2   sing N N 226 
SER CA  C    sing N N 227 
SER CA  CB   sing N N 228 
SER CA  HA   sing N N 229 
SER C   O    doub N N 230 
SER C   OXT  sing N N 231 
SER CB  OG   sing N N 232 
SER CB  HB2  sing N N 233 
SER CB  HB3  sing N N 234 
SER OG  HG   sing N N 235 
SER OXT HXT  sing N N 236 
THR N   CA   sing N N 237 
THR N   H    sing N N 238 
THR N   H2   sing N N 239 
THR CA  C    sing N N 240 
THR CA  CB   sing N N 241 
THR CA  HA   sing N N 242 
THR C   O    doub N N 243 
THR C   OXT  sing N N 244 
THR CB  OG1  sing N N 245 
THR CB  CG2  sing N N 246 
THR CB  HB   sing N N 247 
THR OG1 HG1  sing N N 248 
THR CG2 HG21 sing N N 249 
THR CG2 HG22 sing N N 250 
THR CG2 HG23 sing N N 251 
THR OXT HXT  sing N N 252 
TYR N   CA   sing N N 253 
TYR N   H    sing N N 254 
TYR N   H2   sing N N 255 
TYR CA  C    sing N N 256 
TYR CA  CB   sing N N 257 
TYR CA  HA   sing N N 258 
TYR C   O    doub N N 259 
TYR C   OXT  sing N N 260 
TYR CB  CG   sing N N 261 
TYR CB  HB2  sing N N 262 
TYR CB  HB3  sing N N 263 
TYR CG  CD1  doub Y N 264 
TYR CG  CD2  sing Y N 265 
TYR CD1 CE1  sing Y N 266 
TYR CD1 HD1  sing N N 267 
TYR CD2 CE2  doub Y N 268 
TYR CD2 HD2  sing N N 269 
TYR CE1 CZ   doub Y N 270 
TYR CE1 HE1  sing N N 271 
TYR CE2 CZ   sing Y N 272 
TYR CE2 HE2  sing N N 273 
TYR CZ  OH   sing N N 274 
TYR OH  HH   sing N N 275 
TYR OXT HXT  sing N N 276 
VAL N   CA   sing N N 277 
VAL N   H    sing N N 278 
VAL N   H2   sing N N 279 
VAL CA  C    sing N N 280 
VAL CA  CB   sing N N 281 
VAL CA  HA   sing N N 282 
VAL C   O    doub N N 283 
VAL C   OXT  sing N N 284 
VAL CB  CG1  sing N N 285 
VAL CB  CG2  sing N N 286 
VAL CB  HB   sing N N 287 
VAL CG1 HG11 sing N N 288 
VAL CG1 HG12 sing N N 289 
VAL CG1 HG13 sing N N 290 
VAL CG2 HG21 sing N N 291 
VAL CG2 HG22 sing N N 292 
VAL CG2 HG23 sing N N 293 
VAL OXT HXT  sing N N 294 
# 
_atom_sites.entry_id                    1NPS 
_atom_sites.fract_transf_matrix[1][1]   -0.03354211 
_atom_sites.fract_transf_matrix[1][2]   -0.00995730 
_atom_sites.fract_transf_matrix[1][3]   -0.01097274 
_atom_sites.fract_transf_matrix[2][1]   0.00930882 
_atom_sites.fract_transf_matrix[2][2]   -0.02364405 
_atom_sites.fract_transf_matrix[2][3]   -0.00699975 
_atom_sites.fract_transf_matrix[3][1]   -0.01227572 
_atom_sites.fract_transf_matrix[3][2]   -0.01143619 
_atom_sites.fract_transf_matrix[3][3]   0.02230445 
_atom_sites.fract_transf_vector[1]      0.321242 
_atom_sites.fract_transf_vector[2]      0.008216 
_atom_sites.fract_transf_vector[3]      0.178523 
# 
loop_
_atom_type.symbol 
C  
CA 
N  
O  
# 
loop_
_atom_site.group_PDB 
_atom_site.id 
_atom_site.type_symbol 
_atom_site.label_atom_id 
_atom_site.label_alt_id 
_atom_site.label_comp_id 
_atom_site.label_asym_id 
_atom_site.label_entity_id 
_atom_site.label_seq_id 
_atom_site.pdbx_PDB_ins_code 
_atom_site.Cartn_x 
_atom_site.Cartn_y 
_atom_site.Cartn_z 
_atom_site.occupancy 
_atom_site.B_iso_or_equiv 
_atom_site.pdbx_formal_charge 
_atom_site.auth_seq_id 
_atom_site.auth_comp_id 
_atom_site.auth_asym_id 
_atom_site.auth_atom_id 
_atom_site.pdbx_PDB_model_num 
ATOM   1   N  N   . ALA A 1 1  ? 9.330   6.414   -7.963  1.00 12.99 ? 1   ALA A N   1 
ATOM   2   C  CA  . ALA A 1 1  ? 9.987   5.098   -7.748  1.00 11.62 ? 1   ALA A CA  1 
ATOM   3   C  C   . ALA A 1 1  ? 9.154   4.197   -6.844  1.00 11.07 ? 1   ALA A C   1 
ATOM   4   O  O   . ALA A 1 1  ? 8.321   3.432   -7.324  1.00 10.66 ? 1   ALA A O   1 
ATOM   5   C  CB  . ALA A 1 1  ? 11.378  5.298   -7.153  1.00 14.80 ? 1   ALA A CB  1 
ATOM   6   N  N   . ASN A 1 2  ? 9.334   4.318   -5.532  1.00 9.21  ? 2   ASN A N   1 
ATOM   7   C  CA  . ASN A 1 2  ? 8.594   3.456   -4.611  1.00 9.66  ? 2   ASN A CA  1 
ATOM   8   C  C   . ASN A 1 2  ? 7.628   4.210   -3.735  1.00 8.40  ? 2   ASN A C   1 
ATOM   9   O  O   . ASN A 1 2  ? 7.734   5.421   -3.578  1.00 9.04  ? 2   ASN A O   1 
ATOM   10  C  CB  . ASN A 1 2  ? 9.538   2.705   -3.665  1.00 11.42 ? 2   ASN A CB  1 
ATOM   11  C  CG  . ASN A 1 2  ? 10.883  2.428   -4.274  1.00 13.50 ? 2   ASN A CG  1 
ATOM   12  O  OD1 . ASN A 1 2  ? 10.982  1.852   -5.357  1.00 14.41 ? 2   ASN A OD1 1 
ATOM   13  N  ND2 . ASN A 1 2  ? 11.936  2.861   -3.588  1.00 15.93 ? 2   ASN A ND2 1 
ATOM   14  N  N   . ILE A 1 3  ? 6.643   3.476   -3.233  1.00 6.57  ? 3   ILE A N   1 
ATOM   15  C  CA  . ILE A 1 3  ? 5.680   4.015   -2.295  1.00 4.93  ? 3   ILE A CA  1 
ATOM   16  C  C   . ILE A 1 3  ? 6.207   3.492   -0.947  1.00 4.83  ? 3   ILE A C   1 
ATOM   17  O  O   . ILE A 1 3  ? 6.928   2.489   -0.910  1.00 4.46  ? 3   ILE A O   1 
ATOM   18  C  CB  . ILE A 1 3  ? 4.241   3.448   -2.527  1.00 3.10  ? 3   ILE A CB  1 
ATOM   19  C  CG1 . ILE A 1 3  ? 4.227   1.927   -2.330  1.00 3.96  ? 3   ILE A CG1 1 
ATOM   20  C  CG2 . ILE A 1 3  ? 3.715   3.834   -3.921  1.00 2.00  ? 3   ILE A CG2 1 
ATOM   21  C  CD1 . ILE A 1 3  ? 2.894   1.384   -1.852  1.00 4.11  ? 3   ILE A CD1 1 
ATOM   22  N  N   . THR A 1 4  ? 5.875   4.163   0.150   1.00 5.31  ? 4   THR A N   1 
ATOM   23  C  CA  . THR A 1 4  ? 6.308   3.692   1.460   1.00 5.47  ? 4   THR A CA  1 
ATOM   24  C  C   . THR A 1 4  ? 5.037   3.510   2.299   1.00 5.54  ? 4   THR A C   1 
ATOM   25  O  O   . THR A 1 4  ? 4.195   4.407   2.362   1.00 5.76  ? 4   THR A O   1 
ATOM   26  C  CB  . THR A 1 4  ? 7.291   4.679   2.142   1.00 6.10  ? 4   THR A CB  1 
ATOM   27  O  OG1 . THR A 1 4  ? 8.289   5.092   1.196   1.00 6.72  ? 4   THR A OG1 1 
ATOM   28  C  CG2 . THR A 1 4  ? 7.995   4.000   3.291   1.00 5.52  ? 4   THR A CG2 1 
ATOM   29  N  N   . VAL A 1 5  ? 4.838   2.297   2.805   1.00 4.73  ? 5   VAL A N   1 
ATOM   30  C  CA  . VAL A 1 5  ? 3.675   1.977   3.623   1.00 5.26  ? 5   VAL A CA  1 
ATOM   31  C  C   . VAL A 1 5  ? 4.026   1.997   5.104   1.00 5.42  ? 5   VAL A C   1 
ATOM   32  O  O   . VAL A 1 5  ? 5.067   1.467   5.509   1.00 6.76  ? 5   VAL A O   1 
ATOM   33  C  CB  . VAL A 1 5  ? 3.080   0.602   3.227   1.00 5.02  ? 5   VAL A CB  1 
ATOM   34  C  CG1 . VAL A 1 5  ? 2.614   0.639   1.765   1.00 5.21  ? 5   VAL A CG1 1 
ATOM   35  C  CG2 . VAL A 1 5  ? 4.104   -0.509  3.433   1.00 4.78  ? 5   VAL A CG2 1 
ATOM   36  N  N   . PHE A 1 6  ? 3.127   2.550   5.913   1.00 6.14  ? 6   PHE A N   1 
ATOM   37  C  CA  . PHE A 1 6  ? 3.351   2.676   7.356   1.00 6.15  ? 6   PHE A CA  1 
ATOM   38  C  C   . PHE A 1 6  ? 2.341   1.894   8.188   1.00 7.04  ? 6   PHE A C   1 
ATOM   39  O  O   . PHE A 1 6  ? 1.184   1.717   7.778   1.00 6.30  ? 6   PHE A O   1 
ATOM   40  C  CB  . PHE A 1 6  ? 3.313   4.156   7.768   1.00 5.37  ? 6   PHE A CB  1 
ATOM   41  C  CG  . PHE A 1 6  ? 4.415   4.980   7.168   1.00 5.48  ? 6   PHE A CG  1 
ATOM   42  C  CD1 . PHE A 1 6  ? 4.281   5.522   5.892   1.00 5.69  ? 6   PHE A CD1 1 
ATOM   43  C  CD2 . PHE A 1 6  ? 5.604   5.192   7.869   1.00 6.29  ? 6   PHE A CD2 1 
ATOM   44  C  CE1 . PHE A 1 6  ? 5.311   6.265   5.319   1.00 5.96  ? 6   PHE A CE1 1 
ATOM   45  C  CE2 . PHE A 1 6  ? 6.629   5.928   7.310   1.00 5.10  ? 6   PHE A CE2 1 
ATOM   46  C  CZ  . PHE A 1 6  ? 6.485   6.464   6.027   1.00 5.90  ? 6   PHE A CZ  1 
ATOM   47  N  N   . TYR A 1 7  ? 2.783   1.393   9.342   1.00 8.00  ? 7   TYR A N   1 
ATOM   48  C  CA  . TYR A 1 7  ? 1.887   0.638   10.222  1.00 9.86  ? 7   TYR A CA  1 
ATOM   49  C  C   . TYR A 1 7  ? 0.838   1.490   10.928  1.00 8.98  ? 7   TYR A C   1 
ATOM   50  O  O   . TYR A 1 7  ? -0.265  1.003   11.208  1.00 7.96  ? 7   TYR A O   1 
ATOM   51  C  CB  . TYR A 1 7  ? 2.681   -0.187  11.233  1.00 14.43 ? 7   TYR A CB  1 
ATOM   52  C  CG  . TYR A 1 7  ? 2.998   -1.586  10.739  1.00 18.72 ? 7   TYR A CG  1 
ATOM   53  C  CD1 . TYR A 1 7  ? 3.304   -1.823  9.390   1.00 20.51 ? 7   TYR A CD1 1 
ATOM   54  C  CD2 . TYR A 1 7  ? 2.967   -2.674  11.612  1.00 19.96 ? 7   TYR A CD2 1 
ATOM   55  C  CE1 . TYR A 1 7  ? 3.566   -3.109  8.924   1.00 21.04 ? 7   TYR A CE1 1 
ATOM   56  C  CE2 . TYR A 1 7  ? 3.226   -3.966  11.159  1.00 21.60 ? 7   TYR A CE2 1 
ATOM   57  C  CZ  . TYR A 1 7  ? 3.524   -4.177  9.814   1.00 22.36 ? 7   TYR A CZ  1 
ATOM   58  O  OH  . TYR A 1 7  ? 3.764   -5.459  9.363   1.00 21.62 ? 7   TYR A OH  1 
ATOM   59  N  N   . ASN A 1 8  ? 1.162   2.757   11.178  1.00 7.82  ? 8   ASN A N   1 
ATOM   60  C  CA  . ASN A 1 8  ? 0.244   3.692   11.832  1.00 8.45  ? 8   ASN A CA  1 
ATOM   61  C  C   . ASN A 1 8  ? -0.035  4.902   10.944  1.00 8.53  ? 8   ASN A C   1 
ATOM   62  O  O   . ASN A 1 8  ? 0.685   5.155   9.969   1.00 7.02  ? 8   ASN A O   1 
ATOM   63  C  CB  . ASN A 1 8  ? 0.797   4.166   13.179  1.00 11.24 ? 8   ASN A CB  1 
ATOM   64  C  CG  . ASN A 1 8  ? 0.999   3.028   14.169  1.00 12.94 ? 8   ASN A CG  1 
ATOM   65  O  OD1 . ASN A 1 8  ? 2.047   2.928   14.805  1.00 16.57 ? 8   ASN A OD1 1 
ATOM   66  N  ND2 . ASN A 1 8  ? 0.001   2.156   14.293  1.00 16.45 ? 8   ASN A ND2 1 
ATOM   67  N  N   . GLU A 1 9  ? -1.114  5.615   11.255  1.00 7.52  ? 9   GLU A N   1 
ATOM   68  C  CA  . GLU A 1 9  ? -1.506  6.809   10.505  1.00 8.49  ? 9   GLU A CA  1 
ATOM   69  C  C   . GLU A 1 9  ? -0.488  7.956   10.616  1.00 8.15  ? 9   GLU A C   1 
ATOM   70  O  O   . GLU A 1 9  ? 0.397   7.937   11.466  1.00 6.45  ? 9   GLU A O   1 
ATOM   71  C  CB  . GLU A 1 9  ? -2.899  7.285   10.957  1.00 9.24  ? 9   GLU A CB  1 
ATOM   72  C  CG  . GLU A 1 9  ? -4.025  6.312   10.592  1.00 10.92 ? 9   GLU A CG  1 
ATOM   73  C  CD  . GLU A 1 9  ? -5.425  6.839   10.874  1.00 12.21 ? 9   GLU A CD  1 
ATOM   74  O  OE1 . GLU A 1 9  ? -5.597  7.712   11.747  1.00 13.30 ? 9   GLU A OE1 1 
ATOM   75  O  OE2 . GLU A 1 9  ? -6.372  6.366   10.214  1.00 14.81 ? 9   GLU A OE2 1 
ATOM   76  N  N   . ASP A 1 10 ? -0.620  8.944   9.731   1.00 9.51  ? 10  ASP A N   1 
ATOM   77  C  CA  . ASP A 1 10 ? 0.260   10.116  9.707   1.00 10.32 ? 10  ASP A CA  1 
ATOM   78  C  C   . ASP A 1 10 ? 1.728   9.753   9.544   1.00 9.11  ? 10  ASP A C   1 
ATOM   79  O  O   . ASP A 1 10 ? 2.592   10.380  10.128  1.00 6.92  ? 10  ASP A O   1 
ATOM   80  C  CB  . ASP A 1 10 ? 0.069   10.960  10.975  1.00 14.04 ? 10  ASP A CB  1 
ATOM   81  C  CG  . ASP A 1 10 ? -1.372  11.419  11.163  1.00 18.08 ? 10  ASP A CG  1 
ATOM   82  O  OD1 . ASP A 1 10 ? -2.051  11.709  10.153  1.00 20.84 ? 10  ASP A OD1 1 
ATOM   83  O  OD2 . ASP A 1 10 ? -1.827  11.489  12.321  1.00 19.72 ? 10  ASP A OD2 1 
ATOM   84  N  N   . PHE A 1 11 ? 1.988   8.711   8.765   1.00 9.80  ? 11  PHE A N   1 
ATOM   85  C  CA  . PHE A 1 11 ? 3.344   8.240   8.490   1.00 10.14 ? 11  PHE A CA  1 
ATOM   86  C  C   . PHE A 1 11 ? 4.184   7.913   9.743   1.00 10.34 ? 11  PHE A C   1 
ATOM   87  O  O   . PHE A 1 11 ? 5.336   8.328   9.853   1.00 8.74  ? 11  PHE A O   1 
ATOM   88  C  CB  . PHE A 1 11 ? 4.072   9.261   7.591   1.00 10.71 ? 11  PHE A CB  1 
ATOM   89  C  CG  . PHE A 1 11 ? 3.192   9.857   6.504   1.00 11.37 ? 11  PHE A CG  1 
ATOM   90  C  CD1 . PHE A 1 11 ? 2.420   9.041   5.675   1.00 9.92  ? 11  PHE A CD1 1 
ATOM   91  C  CD2 . PHE A 1 11 ? 3.102   11.238  6.343   1.00 11.70 ? 11  PHE A CD2 1 
ATOM   92  C  CE1 . PHE A 1 11 ? 1.576   9.596   4.714   1.00 10.30 ? 11  PHE A CE1 1 
ATOM   93  C  CE2 . PHE A 1 11 ? 2.253   11.793  5.377   1.00 11.09 ? 11  PHE A CE2 1 
ATOM   94  C  CZ  . PHE A 1 11 ? 1.493   10.969  4.569   1.00 9.32  ? 11  PHE A CZ  1 
ATOM   95  N  N   . GLN A 1 12 ? 3.618   7.144   10.667  1.00 9.39  ? 12  GLN A N   1 
ATOM   96  C  CA  . GLN A 1 12 ? 4.345   6.771   11.882  1.00 10.32 ? 12  GLN A CA  1 
ATOM   97  C  C   . GLN A 1 12 ? 4.518   5.263   11.934  1.00 9.01  ? 12  GLN A C   1 
ATOM   98  O  O   . GLN A 1 12 ? 3.881   4.546   11.185  1.00 9.77  ? 12  GLN A O   1 
ATOM   99  C  CB  . GLN A 1 12 ? 3.581   7.216   13.131  1.00 12.73 ? 12  GLN A CB  1 
ATOM   100 C  CG  . GLN A 1 12 ? 3.413   8.712   13.281  1.00 15.38 ? 12  GLN A CG  1 
ATOM   101 C  CD  . GLN A 1 12 ? 4.517   9.329   14.102  1.00 17.68 ? 12  GLN A CD  1 
ATOM   102 O  OE1 . GLN A 1 12 ? 4.712   8.971   15.262  1.00 22.02 ? 12  GLN A OE1 1 
ATOM   103 N  NE2 . GLN A 1 12 ? 5.235   10.273  13.519  1.00 20.72 ? 12  GLN A NE2 1 
ATOM   104 N  N   . GLY A 1 13 ? 5.354   4.785   12.845  1.00 8.48  ? 13  GLY A N   1 
ATOM   105 C  CA  . GLY A 1 13 ? 5.570   3.356   12.983  1.00 7.50  ? 13  GLY A CA  1 
ATOM   106 C  C   . GLY A 1 13 ? 6.379   2.664   11.903  1.00 7.71  ? 13  GLY A C   1 
ATOM   107 O  O   . GLY A 1 13 ? 6.981   3.299   11.048  1.00 6.90  ? 13  GLY A O   1 
ATOM   108 N  N   . LYS A 1 14 ? 6.387   1.336   11.970  1.00 8.41  ? 14  LYS A N   1 
ATOM   109 C  CA  . LYS A 1 14 ? 7.093   0.465   11.031  1.00 9.70  ? 14  LYS A CA  1 
ATOM   110 C  C   . LYS A 1 14 ? 6.799   0.862   9.588   1.00 9.29  ? 14  LYS A C   1 
ATOM   111 O  O   . LYS A 1 14 ? 5.645   1.064   9.221   1.00 8.21  ? 14  LYS A O   1 
ATOM   112 C  CB  . LYS A 1 14 ? 6.664   -0.981  11.277  1.00 10.79 ? 14  LYS A CB  1 
ATOM   113 C  CG  . LYS A 1 14 ? 7.339   -2.014  10.410  1.00 14.86 ? 14  LYS A CG  1 
ATOM   114 C  CD  . LYS A 1 14 ? 6.900   -3.408  10.832  1.00 17.39 ? 14  LYS A CD  1 
ATOM   115 C  CE  . LYS A 1 14 ? 7.120   -3.619  12.333  1.00 21.25 ? 14  LYS A CE  1 
ATOM   116 N  NZ  . LYS A 1 14 ? 6.624   -4.938  12.852  1.00 22.64 ? 14  LYS A NZ  1 
ATOM   117 N  N   . GLN A 1 15 ? 7.850   0.936   8.778   1.00 8.56  ? 15  GLN A N   1 
ATOM   118 C  CA  . GLN A 1 15 ? 7.726   1.333   7.382   1.00 8.76  ? 15  GLN A CA  1 
ATOM   119 C  C   . GLN A 1 15 ? 8.512   0.436   6.428   1.00 9.24  ? 15  GLN A C   1 
ATOM   120 O  O   . GLN A 1 15 ? 9.545   -0.120  6.809   1.00 9.99  ? 15  GLN A O   1 
ATOM   121 C  CB  . GLN A 1 15 ? 8.165   2.786   7.227   1.00 8.87  ? 15  GLN A CB  1 
ATOM   122 C  CG  . GLN A 1 15 ? 9.573   3.081   7.684   1.00 9.13  ? 15  GLN A CG  1 
ATOM   123 C  CD  . GLN A 1 15 ? 9.896   4.551   7.577   1.00 10.52 ? 15  GLN A CD  1 
ATOM   124 O  OE1 . GLN A 1 15 ? 9.780   5.303   8.547   1.00 11.11 ? 15  GLN A OE1 1 
ATOM   125 N  NE2 . GLN A 1 15 ? 10.299  4.976   6.390   1.00 12.18 ? 15  GLN A NE2 1 
ATOM   126 N  N   . VAL A 1 16 ? 8.001   0.282   5.203   1.00 8.91  ? 16  VAL A N   1 
ATOM   127 C  CA  . VAL A 1 16 ? 8.614   -0.567  4.170   1.00 8.71  ? 16  VAL A CA  1 
ATOM   128 C  C   . VAL A 1 16 ? 8.366   0.019   2.776   1.00 9.15  ? 16  VAL A C   1 
ATOM   129 O  O   . VAL A 1 16 ? 7.232   0.381   2.446   1.00 9.14  ? 16  VAL A O   1 
ATOM   130 C  CB  . VAL A 1 16 ? 7.997   -2.023  4.175   1.00 9.25  ? 16  VAL A CB  1 
ATOM   131 C  CG1 . VAL A 1 16 ? 8.494   -2.829  2.990   1.00 7.88  ? 16  VAL A CG1 1 
ATOM   132 C  CG2 . VAL A 1 16 ? 8.312   -2.763  5.473   1.00 8.30  ? 16  VAL A CG2 1 
ATOM   133 N  N   . ASP A 1 17 ? 9.401   0.057   1.943   1.00 8.55  ? 17  ASP A N   1 
ATOM   134 C  CA  . ASP A 1 17 ? 9.284   0.570   0.576   1.00 10.46 ? 17  ASP A CA  1 
ATOM   135 C  C   . ASP A 1 17 ? 8.843   -0.516  -0.403  1.00 10.16 ? 17  ASP A C   1 
ATOM   136 O  O   . ASP A 1 17 ? 9.244   -1.662  -0.273  1.00 10.62 ? 17  ASP A O   1 
ATOM   137 C  CB  . ASP A 1 17 ? 10.626  1.122   0.081   1.00 11.90 ? 17  ASP A CB  1 
ATOM   138 C  CG  . ASP A 1 17 ? 11.030  2.396   0.774   1.00 13.67 ? 17  ASP A CG  1 
ATOM   139 O  OD1 . ASP A 1 17 ? 10.142  3.111   1.273   1.00 14.15 ? 17  ASP A OD1 1 
ATOM   140 O  OD2 . ASP A 1 17 ? 12.243  2.688   0.806   1.00 17.22 ? 17  ASP A OD2 1 
ATOM   141 N  N   . LEU A 1 18 ? 7.996   -0.155  -1.365  1.00 8.72  ? 18  LEU A N   1 
ATOM   142 C  CA  . LEU A 1 18 ? 7.541   -1.107  -2.379  1.00 9.01  ? 18  LEU A CA  1 
ATOM   143 C  C   . LEU A 1 18 ? 7.729   -0.552  -3.781  1.00 8.37  ? 18  LEU A C   1 
ATOM   144 O  O   . LEU A 1 18 ? 7.070   0.421   -4.153  1.00 7.89  ? 18  LEU A O   1 
ATOM   145 C  CB  . LEU A 1 18 ? 6.056   -1.435  -2.211  1.00 9.74  ? 18  LEU A CB  1 
ATOM   146 C  CG  . LEU A 1 18 ? 5.635   -2.178  -0.949  1.00 11.72 ? 18  LEU A CG  1 
ATOM   147 C  CD1 . LEU A 1 18 ? 4.122   -2.328  -0.935  1.00 10.81 ? 18  LEU A CD1 1 
ATOM   148 C  CD2 . LEU A 1 18 ? 6.341   -3.534  -0.922  1.00 12.68 ? 18  LEU A CD2 1 
ATOM   149 N  N   . PRO A 1 19 ? 8.658   -1.128  -4.570  1.00 7.10  ? 19  PRO A N   1 
ATOM   150 C  CA  . PRO A 1 19 ? 8.829   -0.606  -5.921  1.00 6.23  ? 19  PRO A CA  1 
ATOM   151 C  C   . PRO A 1 19 ? 7.639   -1.109  -6.756  1.00 6.72  ? 19  PRO A C   1 
ATOM   152 O  O   . PRO A 1 19 ? 6.761   -1.802  -6.236  1.00 6.66  ? 19  PRO A O   1 
ATOM   153 C  CB  . PRO A 1 19 ? 10.161  -1.227  -6.356  1.00 6.70  ? 19  PRO A CB  1 
ATOM   154 C  CG  . PRO A 1 19 ? 10.189  -2.498  -5.639  1.00 6.42  ? 19  PRO A CG  1 
ATOM   155 C  CD  . PRO A 1 19 ? 9.671   -2.154  -4.269  1.00 6.92  ? 19  PRO A CD  1 
ATOM   156 N  N   . PRO A 1 20 ? 7.549   -0.691  -8.028  1.00 5.58  ? 20  PRO A N   1 
ATOM   157 C  CA  . PRO A 1 20 ? 6.449   -1.134  -8.879  1.00 5.40  ? 20  PRO A CA  1 
ATOM   158 C  C   . PRO A 1 20 ? 6.400   -2.654  -8.973  1.00 6.10  ? 20  PRO A C   1 
ATOM   159 O  O   . PRO A 1 20 ? 7.436   -3.323  -9.046  1.00 5.60  ? 20  PRO A O   1 
ATOM   160 C  CB  . PRO A 1 20 ? 6.793   -0.509  -10.229 1.00 5.76  ? 20  PRO A CB  1 
ATOM   161 C  CG  . PRO A 1 20 ? 7.479   0.749   -9.848  1.00 6.49  ? 20  PRO A CG  1 
ATOM   162 C  CD  . PRO A 1 20 ? 8.406   0.265   -8.747  1.00 5.12  ? 20  PRO A CD  1 
ATOM   163 N  N   . GLY A 1 21 ? 5.189   -3.185  -8.972  1.00 4.19  ? 21  GLY A N   1 
ATOM   164 C  CA  . GLY A 1 21 ? 5.004   -4.617  -9.059  1.00 4.41  ? 21  GLY A CA  1 
ATOM   165 C  C   . GLY A 1 21 ? 3.673   -5.003  -8.463  1.00 4.75  ? 21  GLY A C   1 
ATOM   166 O  O   . GLY A 1 21 ? 2.935   -4.159  -7.956  1.00 5.47  ? 21  GLY A O   1 
ATOM   167 N  N   . ASN A 1 22 ? 3.389   -6.294  -8.471  1.00 5.45  ? 22  ASN A N   1 
ATOM   168 C  CA  . ASN A 1 22 ? 2.141   -6.807  -7.917  1.00 6.64  ? 22  ASN A CA  1 
ATOM   169 C  C   . ASN A 1 22 ? 2.490   -7.598  -6.670  1.00 6.78  ? 22  ASN A C   1 
ATOM   170 O  O   . ASN A 1 22 ? 3.405   -8.408  -6.682  1.00 7.84  ? 22  ASN A O   1 
ATOM   171 C  CB  . ASN A 1 22 ? 1.453   -7.704  -8.936  1.00 7.17  ? 22  ASN A CB  1 
ATOM   172 C  CG  . ASN A 1 22 ? 1.362   -7.063  -10.284 1.00 7.49  ? 22  ASN A CG  1 
ATOM   173 O  OD1 . ASN A 1 22 ? 0.784   -5.995  -10.426 1.00 7.55  ? 22  ASN A OD1 1 
ATOM   174 N  ND2 . ASN A 1 22 ? 1.946   -7.706  -11.291 1.00 9.64  ? 22  ASN A ND2 1 
ATOM   175 N  N   . TYR A 1 23 ? 1.786   -7.320  -5.581  1.00 6.97  ? 23  TYR A N   1 
ATOM   176 C  CA  . TYR A 1 23 ? 2.059   -7.989  -4.312  1.00 5.86  ? 23  TYR A CA  1 
ATOM   177 C  C   . TYR A 1 23 ? 0.852   -8.662  -3.670  1.00 5.52  ? 23  TYR A C   1 
ATOM   178 O  O   . TYR A 1 23 ? -0.088  -7.989  -3.248  1.00 5.48  ? 23  TYR A O   1 
ATOM   179 C  CB  . TYR A 1 23 ? 2.647   -6.985  -3.316  1.00 5.43  ? 23  TYR A CB  1 
ATOM   180 C  CG  . TYR A 1 23 ? 3.853   -6.255  -3.848  1.00 6.36  ? 23  TYR A CG  1 
ATOM   181 C  CD1 . TYR A 1 23 ? 5.124   -6.827  -3.762  1.00 7.38  ? 23  TYR A CD1 1 
ATOM   182 C  CD2 . TYR A 1 23 ? 3.725   -5.009  -4.455  1.00 5.16  ? 23  TYR A CD2 1 
ATOM   183 C  CE1 . TYR A 1 23 ? 6.241   -6.175  -4.272  1.00 7.76  ? 23  TYR A CE1 1 
ATOM   184 C  CE2 . TYR A 1 23 ? 4.829   -4.347  -4.968  1.00 5.36  ? 23  TYR A CE2 1 
ATOM   185 C  CZ  . TYR A 1 23 ? 6.091   -4.933  -4.875  1.00 6.79  ? 23  TYR A CZ  1 
ATOM   186 O  OH  . TYR A 1 23 ? 7.199   -4.288  -5.373  1.00 4.00  ? 23  TYR A OH  1 
ATOM   187 N  N   . THR A 1 24 ? 0.896   -9.984  -3.572  1.00 5.45  ? 24  THR A N   1 
ATOM   188 C  CA  . THR A 1 24 ? -0.176  -10.730 -2.922  1.00 6.21  ? 24  THR A CA  1 
ATOM   189 C  C   . THR A 1 24 ? 0.090   -10.689 -1.412  1.00 6.76  ? 24  THR A C   1 
ATOM   190 O  O   . THR A 1 24 ? 1.117   -10.144 -0.964  1.00 6.51  ? 24  THR A O   1 
ATOM   191 C  CB  . THR A 1 24 ? -0.216  -12.206 -3.378  1.00 6.86  ? 24  THR A CB  1 
ATOM   192 O  OG1 . THR A 1 24 ? 0.974   -12.873 -2.953  1.00 4.91  ? 24  THR A OG1 1 
ATOM   193 C  CG2 . THR A 1 24 ? -0.355  -12.301 -4.899  1.00 8.20  ? 24  THR A CG2 1 
ATOM   194 N  N   . ARG A 1 25 ? -0.843  -11.241 -0.639  1.00 5.27  ? 25  ARG A N   1 
ATOM   195 C  CA  . ARG A 1 25 ? -0.735  -11.290 0.821   1.00 5.40  ? 25  ARG A CA  1 
ATOM   196 C  C   . ARG A 1 25 ? 0.550   -11.988 1.259   1.00 5.11  ? 25  ARG A C   1 
ATOM   197 O  O   . ARG A 1 25 ? 1.268   -11.499 2.127   1.00 4.47  ? 25  ARG A O   1 
ATOM   198 C  CB  . ARG A 1 25 ? -1.965  -11.990 1.421   1.00 3.98  ? 25  ARG A CB  1 
ATOM   199 C  CG  . ARG A 1 25 ? -1.977  -12.071 2.927   1.00 4.28  ? 25  ARG A CG  1 
ATOM   200 C  CD  . ARG A 1 25 ? -3.271  -12.693 3.443   1.00 5.89  ? 25  ARG A CD  1 
ATOM   201 N  NE  . ARG A 1 25 ? -3.179  -13.055 4.861   1.00 7.38  ? 25  ARG A NE  1 
ATOM   202 C  CZ  . ARG A 1 25 ? -4.222  -13.203 5.680   1.00 7.88  ? 25  ARG A CZ  1 
ATOM   203 N  NH1 . ARG A 1 25 ? -5.461  -13.022 5.232   1.00 6.58  ? 25  ARG A NH1 1 
ATOM   204 N  NH2 . ARG A 1 25 ? -4.025  -13.513 6.955   1.00 6.93  ? 25  ARG A NH2 1 
ATOM   205 N  N   . ALA A 1 26 ? 0.837   -13.130 0.647   1.00 4.29  ? 26  ALA A N   1 
ATOM   206 C  CA  . ALA A 1 26 ? 2.045   -13.889 0.965   1.00 4.73  ? 26  ALA A CA  1 
ATOM   207 C  C   . ALA A 1 26 ? 3.326   -13.129 0.565   1.00 4.00  ? 26  ALA A C   1 
ATOM   208 O  O   . ALA A 1 26 ? 4.327   -13.192 1.276   1.00 4.41  ? 26  ALA A O   1 
ATOM   209 C  CB  . ALA A 1 26 ? 1.994   -15.246 0.280   1.00 6.36  ? 26  ALA A CB  1 
ATOM   210 N  N   . GLN A 1 27 ? 3.291   -12.422 -0.563  1.00 3.97  ? 27  GLN A N   1 
ATOM   211 C  CA  . GLN A 1 27 ? 4.462   -11.659 -1.011  1.00 6.18  ? 27  GLN A CA  1 
ATOM   212 C  C   . GLN A 1 27 ? 4.705   -10.458 -0.094  1.00 6.12  ? 27  GLN A C   1 
ATOM   213 O  O   . GLN A 1 27 ? 5.845   -10.095 0.175   1.00 5.80  ? 27  GLN A O   1 
ATOM   214 C  CB  . GLN A 1 27 ? 4.311   -11.218 -2.472  1.00 6.24  ? 27  GLN A CB  1 
ATOM   215 C  CG  . GLN A 1 27 ? 4.458   -12.372 -3.429  1.00 7.87  ? 27  GLN A CG  1 
ATOM   216 C  CD  . GLN A 1 27 ? 4.093   -12.038 -4.855  1.00 8.96  ? 27  GLN A CD  1 
ATOM   217 O  OE1 . GLN A 1 27 ? 4.589   -12.671 -5.782  1.00 11.64 ? 27  GLN A OE1 1 
ATOM   218 N  NE2 . GLN A 1 27 ? 3.200   -11.079 -5.037  1.00 6.74  ? 27  GLN A NE2 1 
ATOM   219 N  N   . LEU A 1 28 ? 3.626   -9.874  0.420   1.00 5.91  ? 28  LEU A N   1 
ATOM   220 C  CA  . LEU A 1 28 ? 3.751   -8.746  1.327   1.00 5.55  ? 28  LEU A CA  1 
ATOM   221 C  C   . LEU A 1 28 ? 4.392   -9.228  2.622   1.00 4.96  ? 28  LEU A C   1 
ATOM   222 O  O   . LEU A 1 28 ? 5.311   -8.598  3.153   1.00 4.13  ? 28  LEU A O   1 
ATOM   223 C  CB  . LEU A 1 28 ? 2.374   -8.132  1.604   1.00 6.86  ? 28  LEU A CB  1 
ATOM   224 C  CG  . LEU A 1 28 ? 1.775   -7.312  0.451   1.00 8.33  ? 28  LEU A CG  1 
ATOM   225 C  CD1 . LEU A 1 28 ? 0.378   -6.826  0.819   1.00 6.47  ? 28  LEU A CD1 1 
ATOM   226 C  CD2 . LEU A 1 28 ? 2.688   -6.131  0.102   1.00 6.98  ? 28  LEU A CD2 1 
ATOM   227 N  N   . ALA A 1 29 ? 3.926   -10.377 3.094   1.00 4.56  ? 29  ALA A N   1 
ATOM   228 C  CA  . ALA A 1 29 ? 4.430   -10.991 4.310   1.00 5.47  ? 29  ALA A CA  1 
ATOM   229 C  C   . ALA A 1 29 ? 5.932   -11.298 4.191   1.00 6.74  ? 29  ALA A C   1 
ATOM   230 O  O   . ALA A 1 29 ? 6.688   -11.137 5.159   1.00 6.83  ? 29  ALA A O   1 
ATOM   231 C  CB  . ALA A 1 29 ? 3.653   -12.255 4.613   1.00 4.99  ? 29  ALA A CB  1 
ATOM   232 N  N   . ALA A 1 30 ? 6.368   -11.715 3.006   1.00 6.32  ? 30  ALA A N   1 
ATOM   233 C  CA  . ALA A 1 30 ? 7.782   -12.022 2.789   1.00 7.89  ? 30  ALA A CA  1 
ATOM   234 C  C   . ALA A 1 30 ? 8.635   -10.752 2.840   1.00 8.31  ? 30  ALA A C   1 
ATOM   235 O  O   . ALA A 1 30 ? 9.830   -10.804 3.123   1.00 9.41  ? 30  ALA A O   1 
ATOM   236 C  CB  . ALA A 1 30 ? 7.976   -12.746 1.465   1.00 7.87  ? 30  ALA A CB  1 
ATOM   237 N  N   . LEU A 1 31 ? 7.997   -9.601  2.640   1.00 8.69  ? 31  LEU A N   1 
ATOM   238 C  CA  . LEU A 1 31 ? 8.694   -8.318  2.652   1.00 8.19  ? 31  LEU A CA  1 
ATOM   239 C  C   . LEU A 1 31 ? 8.537   -7.609  3.995   1.00 8.27  ? 31  LEU A C   1 
ATOM   240 O  O   . LEU A 1 31 ? 8.917   -6.459  4.149   1.00 8.53  ? 31  LEU A O   1 
ATOM   241 C  CB  . LEU A 1 31 ? 8.182   -7.441  1.503   1.00 9.55  ? 31  LEU A CB  1 
ATOM   242 C  CG  . LEU A 1 31 ? 8.251   -8.089  0.115   1.00 8.62  ? 31  LEU A CG  1 
ATOM   243 C  CD1 . LEU A 1 31 ? 7.704   -7.153  -0.935  1.00 8.91  ? 31  LEU A CD1 1 
ATOM   244 C  CD2 . LEU A 1 31 ? 9.682   -8.470  -0.224  1.00 10.47 ? 31  LEU A CD2 1 
ATOM   245 N  N   . GLY A 1 32 ? 8.007   -8.332  4.975   1.00 8.57  ? 32  GLY A N   1 
ATOM   246 C  CA  . GLY A 1 32 ? 7.815   -7.778  6.305   1.00 8.92  ? 32  GLY A CA  1 
ATOM   247 C  C   . GLY A 1 32 ? 6.580   -6.921  6.530   1.00 8.75  ? 32  GLY A C   1 
ATOM   248 O  O   . GLY A 1 32 ? 6.544   -6.125  7.476   1.00 8.26  ? 32  GLY A O   1 
ATOM   249 N  N   . ILE A 1 33 ? 5.589   -7.051  5.649   1.00 8.22  ? 33  ILE A N   1 
ATOM   250 C  CA  . ILE A 1 33 ? 4.347   -6.288  5.753   1.00 8.05  ? 33  ILE A CA  1 
ATOM   251 C  C   . ILE A 1 33 ? 3.228   -7.236  6.126   1.00 9.06  ? 33  ILE A C   1 
ATOM   252 O  O   . ILE A 1 33 ? 2.725   -7.959  5.276   1.00 8.99  ? 33  ILE A O   1 
ATOM   253 C  CB  . ILE A 1 33 ? 3.993   -5.604  4.417   1.00 8.62  ? 33  ILE A CB  1 
ATOM   254 C  CG1 . ILE A 1 33 ? 5.060   -4.561  4.067   1.00 9.21  ? 33  ILE A CG1 1 
ATOM   255 C  CG2 . ILE A 1 33 ? 2.579   -4.978  4.481   1.00 8.46  ? 33  ILE A CG2 1 
ATOM   256 C  CD1 . ILE A 1 33 ? 4.833   -3.872  2.746   1.00 8.50  ? 33  ILE A CD1 1 
ATOM   257 N  N   . GLU A 1 34 ? 2.863   -7.246  7.401   1.00 10.24 ? 34  GLU A N   1 
ATOM   258 C  CA  . GLU A 1 34 ? 1.802   -8.120  7.892   1.00 11.09 ? 34  GLU A CA  1 
ATOM   259 C  C   . GLU A 1 34 ? 0.444   -7.761  7.308   1.00 9.79  ? 34  GLU A C   1 
ATOM   260 O  O   . GLU A 1 34 ? 0.159   -6.603  7.011   1.00 8.33  ? 34  GLU A O   1 
ATOM   261 C  CB  . GLU A 1 34 ? 1.730   -8.069  9.417   1.00 14.23 ? 34  GLU A CB  1 
ATOM   262 C  CG  . GLU A 1 34 ? 2.990   -8.539  10.102  1.00 18.33 ? 34  GLU A CG  1 
ATOM   263 C  CD  . GLU A 1 34 ? 3.117   -7.982  11.500  1.00 20.62 ? 34  GLU A CD  1 
ATOM   264 O  OE1 . GLU A 1 34 ? 2.353   -8.423  12.384  1.00 22.91 ? 34  GLU A OE1 1 
ATOM   265 O  OE2 . GLU A 1 34 ? 3.979   -7.100  11.715  1.00 23.50 ? 34  GLU A OE2 1 
ATOM   266 N  N   . ASN A 1 35 ? -0.407  -8.768  7.187   1.00 9.49  ? 35  ASN A N   1 
ATOM   267 C  CA  . ASN A 1 35 ? -1.737  -8.571  6.635   1.00 7.86  ? 35  ASN A CA  1 
ATOM   268 C  C   . ASN A 1 35 ? -2.561  -7.570  7.453   1.00 7.82  ? 35  ASN A C   1 
ATOM   269 O  O   . ASN A 1 35 ? -2.481  -7.545  8.695   1.00 7.68  ? 35  ASN A O   1 
ATOM   270 C  CB  . ASN A 1 35 ? -2.456  -9.908  6.585   1.00 7.18  ? 35  ASN A CB  1 
ATOM   271 C  CG  . ASN A 1 35 ? -3.800  -9.806  5.939   1.00 6.58  ? 35  ASN A CG  1 
ATOM   272 O  OD1 . ASN A 1 35 ? -3.915  -9.398  4.782   1.00 5.82  ? 35  ASN A OD1 1 
ATOM   273 N  ND2 . ASN A 1 35 ? -4.839  -10.174 6.684   1.00 6.35  ? 35  ASN A ND2 1 
ATOM   274 N  N   . ASN A 1 36 ? -3.377  -6.783  6.757   1.00 8.22  ? 36  ASN A N   1 
ATOM   275 C  CA  . ASN A 1 36 ? -4.247  -5.775  7.373   1.00 8.18  ? 36  ASN A CA  1 
ATOM   276 C  C   . ASN A 1 36 ? -3.534  -4.940  8.447   1.00 7.63  ? 36  ASN A C   1 
ATOM   277 O  O   . ASN A 1 36 ? -3.988  -4.899  9.598   1.00 7.82  ? 36  ASN A O   1 
ATOM   278 C  CB  . ASN A 1 36 ? -5.493  -6.428  8.017   1.00 8.78  ? 36  ASN A CB  1 
ATOM   279 C  CG  . ASN A 1 36 ? -6.329  -7.267  7.044   1.00 8.28  ? 36  ASN A CG  1 
ATOM   280 O  OD1 . ASN A 1 36 ? -6.304  -7.077  5.830   1.00 6.99  ? 36  ASN A OD1 1 
ATOM   281 N  ND2 . ASN A 1 36 ? -7.110  -8.191  7.604   1.00 8.88  ? 36  ASN A ND2 1 
ATOM   282 N  N   . THR A 1 37 ? -2.418  -4.299  8.108   1.00 8.14  ? 37  THR A N   1 
ATOM   283 C  CA  . THR A 1 37 ? -1.704  -3.478  9.094   1.00 7.22  ? 37  THR A CA  1 
ATOM   284 C  C   . THR A 1 37 ? -1.415  -2.062  8.611   1.00 6.86  ? 37  THR A C   1 
ATOM   285 O  O   . THR A 1 37 ? -1.229  -1.141  9.423   1.00 8.54  ? 37  THR A O   1 
ATOM   286 C  CB  . THR A 1 37 ? -0.364  -4.120  9.561   1.00 7.31  ? 37  THR A CB  1 
ATOM   287 O  OG1 . THR A 1 37 ? 0.486   -4.367  8.433   1.00 9.12  ? 37  THR A OG1 1 
ATOM   288 C  CG2 . THR A 1 37 ? -0.611  -5.416  10.338  1.00 7.05  ? 37  THR A CG2 1 
ATOM   289 N  N   . ILE A 1 38 ? -1.416  -1.872  7.299   1.00 6.64  ? 38  ILE A N   1 
ATOM   290 C  CA  . ILE A 1 38 ? -1.139  -0.571  6.704   1.00 5.34  ? 38  ILE A CA  1 
ATOM   291 C  C   . ILE A 1 38 ? -2.153  0.495   7.120   1.00 5.57  ? 38  ILE A C   1 
ATOM   292 O  O   . ILE A 1 38 ? -3.360  0.270   7.093   1.00 5.84  ? 38  ILE A O   1 
ATOM   293 C  CB  . ILE A 1 38 ? -1.067  -0.695  5.182   1.00 5.55  ? 38  ILE A CB  1 
ATOM   294 C  CG1 . ILE A 1 38 ? 0.092   -1.622  4.816   1.00 5.47  ? 38  ILE A CG1 1 
ATOM   295 C  CG2 . ILE A 1 38 ? -0.920  0.666   4.546   1.00 4.59  ? 38  ILE A CG2 1 
ATOM   296 C  CD1 . ILE A 1 38 ? 0.233   -1.850  3.343   1.00 7.15  ? 38  ILE A CD1 1 
ATOM   297 N  N   . SER A 1 39 ? -1.648  1.652   7.542   1.00 5.15  ? 39  SER A N   1 
ATOM   298 C  CA  . SER A 1 39 ? -2.517  2.733   7.997   1.00 4.66  ? 39  SER A CA  1 
ATOM   299 C  C   . SER A 1 39 ? -2.244  4.071   7.303   1.00 4.21  ? 39  SER A C   1 
ATOM   300 O  O   . SER A 1 39 ? -3.051  5.000   7.372   1.00 6.22  ? 39  SER A O   1 
ATOM   301 C  CB  . SER A 1 39 ? -2.425  2.860   9.521   1.00 5.02  ? 39  SER A CB  1 
ATOM   302 O  OG  . SER A 1 39 ? -2.613  1.589   10.147  1.00 7.18  ? 39  SER A OG  1 
ATOM   303 N  N   . SER A 1 40 ? -1.114  4.168   6.621   1.00 4.03  ? 40  SER A N   1 
ATOM   304 C  CA  . SER A 1 40 ? -0.786  5.389   5.879   1.00 4.08  ? 40  SER A CA  1 
ATOM   305 C  C   . SER A 1 40 ? 0.247   5.072   4.802   1.00 4.17  ? 40  SER A C   1 
ATOM   306 O  O   . SER A 1 40 ? 0.971   4.072   4.899   1.00 4.45  ? 40  SER A O   1 
ATOM   307 C  CB  . SER A 1 40 ? -0.350  6.543   6.810   1.00 3.30  ? 40  SER A CB  1 
ATOM   308 O  OG  . SER A 1 40 ? 0.881   6.320   7.469   1.00 4.77  ? 40  SER A OG  1 
ATOM   309 N  N   . VAL A 1 41 ? 0.237   5.852   3.723   1.00 4.10  ? 41  VAL A N   1 
ATOM   310 C  CA  . VAL A 1 41 ? 1.137   5.625   2.608   1.00 4.64  ? 41  VAL A CA  1 
ATOM   311 C  C   . VAL A 1 41 ? 1.641   6.913   1.973   1.00 5.29  ? 41  VAL A C   1 
ATOM   312 O  O   . VAL A 1 41 ? 0.908   7.900   1.860   1.00 4.66  ? 41  VAL A O   1 
ATOM   313 C  CB  . VAL A 1 41 ? 0.423   4.827   1.486   1.00 6.24  ? 41  VAL A CB  1 
ATOM   314 C  CG1 . VAL A 1 41 ? 1.400   4.484   0.369   1.00 5.05  ? 41  VAL A CG1 1 
ATOM   315 C  CG2 . VAL A 1 41 ? -0.217  3.563   2.043   1.00 5.32  ? 41  VAL A CG2 1 
ATOM   316 N  N   . LYS A 1 42 ? 2.905   6.895   1.566   1.00 5.18  ? 42  LYS A N   1 
ATOM   317 C  CA  . LYS A 1 42 ? 3.515   8.025   0.883   1.00 4.63  ? 42  LYS A CA  1 
ATOM   318 C  C   . LYS A 1 42 ? 3.623   7.619   -0.583  1.00 4.44  ? 42  LYS A C   1 
ATOM   319 O  O   . LYS A 1 42 ? 3.996   6.487   -0.899  1.00 3.94  ? 42  LYS A O   1 
ATOM   320 C  CB  . LYS A 1 42 ? 4.907   8.339   1.447   1.00 5.17  ? 42  LYS A CB  1 
ATOM   321 C  CG  . LYS A 1 42 ? 4.903   9.001   2.819   1.00 6.68  ? 42  LYS A CG  1 
ATOM   322 C  CD  . LYS A 1 42 ? 6.288   9.495   3.193   1.00 5.96  ? 42  LYS A CD  1 
ATOM   323 C  CE  . LYS A 1 42 ? 6.265   10.183  4.539   1.00 7.13  ? 42  LYS A CE  1 
ATOM   324 N  NZ  . LYS A 1 42 ? 7.608   10.665  4.952   1.00 8.05  ? 42  LYS A NZ  1 
ATOM   325 N  N   . VAL A 1 43 ? 3.214   8.508   -1.476  1.00 4.72  ? 43  VAL A N   1 
ATOM   326 C  CA  . VAL A 1 43 ? 3.282   8.219   -2.895  1.00 5.72  ? 43  VAL A CA  1 
ATOM   327 C  C   . VAL A 1 43 ? 3.922   9.402   -3.619  1.00 5.40  ? 43  VAL A C   1 
ATOM   328 O  O   . VAL A 1 43 ? 3.304   10.451  -3.755  1.00 5.50  ? 43  VAL A O   1 
ATOM   329 C  CB  . VAL A 1 43 ? 1.863   7.937   -3.476  1.00 5.48  ? 43  VAL A CB  1 
ATOM   330 C  CG1 . VAL A 1 43 ? 1.949   7.461   -4.924  1.00 5.20  ? 43  VAL A CG1 1 
ATOM   331 C  CG2 . VAL A 1 43 ? 1.137   6.914   -2.622  1.00 6.14  ? 43  VAL A CG2 1 
ATOM   332 N  N   . PRO A 1 44 ? 5.186   9.253   -4.058  1.00 4.36  ? 44  PRO A N   1 
ATOM   333 C  CA  . PRO A 1 44 ? 5.880   10.327  -4.766  1.00 5.25  ? 44  PRO A CA  1 
ATOM   334 C  C   . PRO A 1 44 ? 5.448   10.343  -6.228  1.00 6.74  ? 44  PRO A C   1 
ATOM   335 O  O   . PRO A 1 44 ? 4.777   9.412   -6.693  1.00 7.67  ? 44  PRO A O   1 
ATOM   336 C  CB  . PRO A 1 44 ? 7.346   9.907   -4.641  1.00 5.14  ? 44  PRO A CB  1 
ATOM   337 C  CG  . PRO A 1 44 ? 7.264   8.436   -4.773  1.00 4.86  ? 44  PRO A CG  1 
ATOM   338 C  CD  . PRO A 1 44 ? 6.080   8.093   -3.877  1.00 4.09  ? 44  PRO A CD  1 
ATOM   339 N  N   . PRO A 1 45 ? 5.832   11.395  -6.972  1.00 6.71  ? 45  PRO A N   1 
ATOM   340 C  CA  . PRO A 1 45 ? 5.507   11.557  -8.396  1.00 7.94  ? 45  PRO A CA  1 
ATOM   341 C  C   . PRO A 1 45 ? 5.978   10.367  -9.240  1.00 8.56  ? 45  PRO A C   1 
ATOM   342 O  O   . PRO A 1 45 ? 6.975   9.734   -8.922  1.00 8.82  ? 45  PRO A O   1 
ATOM   343 C  CB  . PRO A 1 45 ? 6.288   12.811  -8.765  1.00 7.74  ? 45  PRO A CB  1 
ATOM   344 C  CG  . PRO A 1 45 ? 6.159   13.629  -7.538  1.00 6.92  ? 45  PRO A CG  1 
ATOM   345 C  CD  . PRO A 1 45 ? 6.454   12.625  -6.445  1.00 6.72  ? 45  PRO A CD  1 
ATOM   346 N  N   . GLY A 1 46 ? 5.242   10.050  -10.298 1.00 8.38  ? 46  GLY A N   1 
ATOM   347 C  CA  . GLY A 1 46 ? 5.643   8.949   -11.156 1.00 9.19  ? 46  GLY A CA  1 
ATOM   348 C  C   . GLY A 1 46 ? 5.115   7.561   -10.838 1.00 8.45  ? 46  GLY A C   1 
ATOM   349 O  O   . GLY A 1 46 ? 5.311   6.657   -11.642 1.00 9.10  ? 46  GLY A O   1 
ATOM   350 N  N   . VAL A 1 47 ? 4.503   7.376   -9.664  1.00 10.14 ? 47  VAL A N   1 
ATOM   351 C  CA  . VAL A 1 47 ? 3.920   6.081   -9.246  1.00 8.80  ? 47  VAL A CA  1 
ATOM   352 C  C   . VAL A 1 47 ? 2.584   6.227   -8.509  1.00 8.22  ? 47  VAL A C   1 
ATOM   353 O  O   . VAL A 1 47 ? 2.280   7.266   -7.944  1.00 8.09  ? 47  VAL A O   1 
ATOM   354 C  CB  . VAL A 1 47 ? 4.842   5.243   -8.302  1.00 9.15  ? 47  VAL A CB  1 
ATOM   355 C  CG1 . VAL A 1 47 ? 6.001   4.635   -9.068  1.00 12.28 ? 47  VAL A CG1 1 
ATOM   356 C  CG2 . VAL A 1 47 ? 5.316   6.078   -7.122  1.00 9.53  ? 47  VAL A CG2 1 
ATOM   357 N  N   . LYS A 1 48 ? 1.815   5.144   -8.498  1.00 8.48  ? 48  LYS A N   1 
ATOM   358 C  CA  . LYS A 1 48 ? 0.526   5.091   -7.811  1.00 9.24  ? 48  LYS A CA  1 
ATOM   359 C  C   . LYS A 1 48 ? 0.333   3.655   -7.315  1.00 9.07  ? 48  LYS A C   1 
ATOM   360 O  O   . LYS A 1 48 ? 1.025   2.732   -7.762  1.00 8.62  ? 48  LYS A O   1 
ATOM   361 C  CB  . LYS A 1 48 ? -0.631  5.483   -8.738  1.00 9.13  ? 48  LYS A CB  1 
ATOM   362 C  CG  . LYS A 1 48 ? -0.977  4.447   -9.790  1.00 10.00 ? 48  LYS A CG  1 
ATOM   363 C  CD  . LYS A 1 48 ? -2.335  4.752   -10.388 1.00 12.03 ? 48  LYS A CD  1 
ATOM   364 C  CE  . LYS A 1 48 ? -2.800  3.656   -11.326 1.00 12.49 ? 48  LYS A CE  1 
ATOM   365 N  NZ  . LYS A 1 48 ? -4.128  3.985   -11.920 1.00 14.19 ? 48  LYS A NZ  1 
ATOM   366 N  N   . ALA A 1 49 ? -0.590  3.480   -6.380  1.00 8.55  ? 49  ALA A N   1 
ATOM   367 C  CA  . ALA A 1 49 ? -0.872  2.174   -5.805  1.00 8.13  ? 49  ALA A CA  1 
ATOM   368 C  C   . ALA A 1 49 ? -2.364  1.924   -5.705  1.00 7.39  ? 49  ALA A C   1 
ATOM   369 O  O   . ALA A 1 49 ? -3.164  2.848   -5.547  1.00 8.15  ? 49  ALA A O   1 
ATOM   370 C  CB  . ALA A 1 49 ? -0.252  2.071   -4.398  1.00 6.64  ? 49  ALA A CB  1 
ATOM   371 N  N   . ILE A 1 50 ? -2.727  0.657   -5.810  1.00 8.70  ? 50  ILE A N   1 
ATOM   372 C  CA  . ILE A 1 50 ? -4.116  0.244   -5.652  1.00 7.65  ? 50  ILE A CA  1 
ATOM   373 C  C   . ILE A 1 50 ? -4.064  -0.716  -4.467  1.00 6.54  ? 50  ILE A C   1 
ATOM   374 O  O   . ILE A 1 50 ? -3.356  -1.727  -4.520  1.00 6.79  ? 50  ILE A O   1 
ATOM   375 C  CB  . ILE A 1 50 ? -4.686  -0.486  -6.886  1.00 6.86  ? 50  ILE A CB  1 
ATOM   376 C  CG1 . ILE A 1 50 ? -4.508  0.375   -8.137  1.00 7.37  ? 50  ILE A CG1 1 
ATOM   377 C  CG2 . ILE A 1 50 ? -6.184  -0.751  -6.662  1.00 5.24  ? 50  ILE A CG2 1 
ATOM   378 C  CD1 . ILE A 1 50 ? -4.853  -0.311  -9.456  1.00 8.78  ? 50  ILE A CD1 1 
ATOM   379 N  N   . LEU A 1 51 ? -4.718  -0.343  -3.370  1.00 4.84  ? 51  LEU A N   1 
ATOM   380 C  CA  . LEU A 1 51 ? -4.745  -1.171  -2.168  1.00 5.48  ? 51  LEU A CA  1 
ATOM   381 C  C   . LEU A 1 51 ? -6.058  -1.967  -2.176  1.00 4.99  ? 51  LEU A C   1 
ATOM   382 O  O   . LEU A 1 51 ? -7.123  -1.413  -2.442  1.00 6.63  ? 51  LEU A O   1 
ATOM   383 C  CB  . LEU A 1 51 ? -4.638  -0.288  -0.923  1.00 5.86  ? 51  LEU A CB  1 
ATOM   384 C  CG  . LEU A 1 51 ? -3.616  0.850   -0.982  1.00 7.10  ? 51  LEU A CG  1 
ATOM   385 C  CD1 . LEU A 1 51 ? -3.602  1.569   0.355   1.00 8.38  ? 51  LEU A CD1 1 
ATOM   386 C  CD2 . LEU A 1 51 ? -2.233  0.337   -1.332  1.00 6.81  ? 51  LEU A CD2 1 
ATOM   387 N  N   . TYR A 1 52 ? -5.965  -3.270  -1.947  1.00 4.93  ? 52  TYR A N   1 
ATOM   388 C  CA  . TYR A 1 52 ? -7.127  -4.162  -1.973  1.00 3.95  ? 52  TYR A CA  1 
ATOM   389 C  C   . TYR A 1 52 ? -7.395  -4.765  -0.617  1.00 3.49  ? 52  TYR A C   1 
ATOM   390 O  O   . TYR A 1 52 ? -6.467  -5.118  0.103   1.00 4.38  ? 52  TYR A O   1 
ATOM   391 C  CB  . TYR A 1 52 ? -6.895  -5.310  -2.971  1.00 2.36  ? 52  TYR A CB  1 
ATOM   392 C  CG  . TYR A 1 52 ? -6.608  -4.884  -4.391  1.00 2.32  ? 52  TYR A CG  1 
ATOM   393 C  CD1 . TYR A 1 52 ? -7.637  -4.690  -5.301  1.00 3.87  ? 52  TYR A CD1 1 
ATOM   394 C  CD2 . TYR A 1 52 ? -5.302  -4.689  -4.828  1.00 3.35  ? 52  TYR A CD2 1 
ATOM   395 C  CE1 . TYR A 1 52 ? -7.370  -4.316  -6.610  1.00 4.18  ? 52  TYR A CE1 1 
ATOM   396 C  CE2 . TYR A 1 52 ? -5.026  -4.319  -6.121  1.00 3.77  ? 52  TYR A CE2 1 
ATOM   397 C  CZ  . TYR A 1 52 ? -6.060  -4.130  -7.011  1.00 4.80  ? 52  TYR A CZ  1 
ATOM   398 O  OH  . TYR A 1 52 ? -5.778  -3.724  -8.294  1.00 6.22  ? 52  TYR A OH  1 
ATOM   399 N  N   . GLN A 1 53 ? -8.668  -4.923  -0.280  1.00 5.66  ? 53  GLN A N   1 
ATOM   400 C  CA  . GLN A 1 53 ? -9.058  -5.506  0.997   1.00 7.28  ? 53  GLN A CA  1 
ATOM   401 C  C   . GLN A 1 53 ? -8.868  -7.018  0.992   1.00 7.00  ? 53  GLN A C   1 
ATOM   402 O  O   . GLN A 1 53 ? -8.684  -7.643  2.034   1.00 8.56  ? 53  GLN A O   1 
ATOM   403 C  CB  . GLN A 1 53 ? -10.514 -5.163  1.292   1.00 10.35 ? 53  GLN A CB  1 
ATOM   404 C  CG  . GLN A 1 53 ? -10.976 -5.536  2.694   1.00 14.09 ? 53  GLN A CG  1 
ATOM   405 C  CD  . GLN A 1 53 ? -12.144 -4.677  3.148   1.00 17.16 ? 53  GLN A CD  1 
ATOM   406 O  OE1 . GLN A 1 53 ? -11.958 -3.519  3.551   1.00 18.20 ? 53  GLN A OE1 1 
ATOM   407 N  NE2 . GLN A 1 53 ? -13.357 -5.215  3.047   1.00 18.41 ? 53  GLN A NE2 1 
ATOM   408 N  N   . ASN A 1 54 ? -8.964  -7.612  -0.191  1.00 8.47  ? 54  ASN A N   1 
ATOM   409 C  CA  . ASN A 1 54 ? -8.791  -9.060  -0.327  1.00 9.02  ? 54  ASN A CA  1 
ATOM   410 C  C   . ASN A 1 54 ? -7.490  -9.399  -1.055  1.00 7.64  ? 54  ASN A C   1 
ATOM   411 O  O   . ASN A 1 54 ? -6.964  -8.602  -1.822  1.00 6.17  ? 54  ASN A O   1 
ATOM   412 C  CB  . ASN A 1 54 ? -9.958  -9.699  -1.105  1.00 9.78  ? 54  ASN A CB  1 
ATOM   413 C  CG  . ASN A 1 54 ? -11.297 -9.553  -0.409  1.00 11.68 ? 54  ASN A CG  1 
ATOM   414 O  OD1 . ASN A 1 54 ? -11.375 -9.394  0.810   1.00 14.23 ? 54  ASN A OD1 1 
ATOM   415 N  ND2 . ASN A 1 54 ? -12.367 -9.643  -1.184  1.00 13.29 ? 54  ASN A ND2 1 
ATOM   416 N  N   . ASP A 1 55 ? -6.974  -10.588 -0.780  1.00 7.32  ? 55  ASP A N   1 
ATOM   417 C  CA  . ASP A 1 55 ? -5.774  -11.080 -1.442  1.00 8.12  ? 55  ASP A CA  1 
ATOM   418 C  C   . ASP A 1 55 ? -6.191  -11.301 -2.907  1.00 8.17  ? 55  ASP A C   1 
ATOM   419 O  O   . ASP A 1 55 ? -7.380  -11.358 -3.219  1.00 7.85  ? 55  ASP A O   1 
ATOM   420 C  CB  . ASP A 1 55 ? -5.361  -12.411 -0.792  1.00 7.94  ? 55  ASP A CB  1 
ATOM   421 C  CG  . ASP A 1 55 ? -3.962  -12.879 -1.199  1.00 9.35  ? 55  ASP A CG  1 
ATOM   422 O  OD1 . ASP A 1 55 ? -3.226  -12.126 -1.875  1.00 7.72  ? 55  ASP A OD1 1 
ATOM   423 O  OD2 . ASP A 1 55 ? -3.606  -14.018 -0.828  1.00 8.21  ? 55  ASP A OD2 1 
ATOM   424 N  N   . GLY A 1 56 ? -5.227  -11.410 -3.808  1.00 8.75  ? 56  GLY A N   1 
ATOM   425 C  CA  . GLY A 1 56 ? -5.573  -11.640 -5.199  1.00 8.01  ? 56  GLY A CA  1 
ATOM   426 C  C   . GLY A 1 56 ? -6.092  -10.434 -5.954  1.00 7.89  ? 56  GLY A C   1 
ATOM   427 O  O   . GLY A 1 56 ? -6.802  -10.587 -6.964  1.00 9.23  ? 56  GLY A O   1 
ATOM   428 N  N   . PHE A 1 57 ? -5.788  -9.236  -5.463  1.00 5.17  ? 57  PHE A N   1 
ATOM   429 C  CA  . PHE A 1 57 ? -6.192  -8.010  -6.143  1.00 6.11  ? 57  PHE A CA  1 
ATOM   430 C  C   . PHE A 1 57 ? -7.705  -7.913  -6.368  1.00 5.88  ? 57  PHE A C   1 
ATOM   431 O  O   . PHE A 1 57 ? -8.164  -7.553  -7.441  1.00 5.41  ? 57  PHE A O   1 
ATOM   432 C  CB  . PHE A 1 57 ? -5.420  -7.898  -7.476  1.00 5.09  ? 57  PHE A CB  1 
ATOM   433 C  CG  . PHE A 1 57 ? -3.969  -8.316  -7.358  1.00 6.17  ? 57  PHE A CG  1 
ATOM   434 C  CD1 . PHE A 1 57 ? -3.067  -7.528  -6.648  1.00 5.13  ? 57  PHE A CD1 1 
ATOM   435 C  CD2 . PHE A 1 57 ? -3.543  -9.547  -7.847  1.00 4.27  ? 57  PHE A CD2 1 
ATOM   436 C  CE1 . PHE A 1 57 ? -1.764  -7.962  -6.411  1.00 6.14  ? 57  PHE A CE1 1 
ATOM   437 C  CE2 . PHE A 1 57 ? -2.255  -9.992  -7.620  1.00 5.52  ? 57  PHE A CE2 1 
ATOM   438 C  CZ  . PHE A 1 57 ? -1.357  -9.192  -6.892  1.00 5.35  ? 57  PHE A CZ  1 
ATOM   439 N  N   . ALA A 1 58 ? -8.477  -8.220  -5.340  1.00 6.39  ? 58  ALA A N   1 
ATOM   440 C  CA  . ALA A 1 58 ? -9.922  -8.160  -5.454  1.00 6.54  ? 58  ALA A CA  1 
ATOM   441 C  C   . ALA A 1 58 ? -10.527 -7.490  -4.237  1.00 7.14  ? 58  ALA A C   1 
ATOM   442 O  O   . ALA A 1 58 ? -9.834  -7.255  -3.249  1.00 5.07  ? 58  ALA A O   1 
ATOM   443 C  CB  . ALA A 1 58 ? -10.479 -9.562  -5.601  1.00 6.42  ? 58  ALA A CB  1 
ATOM   444 N  N   . GLY A 1 59 ? -11.817 -7.170  -4.332  1.00 8.40  ? 59  GLY A N   1 
ATOM   445 C  CA  . GLY A 1 59 ? -12.555 -6.571  -3.230  1.00 9.83  ? 59  GLY A CA  1 
ATOM   446 C  C   . GLY A 1 59 ? -12.660 -5.066  -3.251  1.00 9.98  ? 59  GLY A C   1 
ATOM   447 O  O   . GLY A 1 59 ? -12.489 -4.420  -4.294  1.00 11.41 ? 59  GLY A O   1 
ATOM   448 N  N   . ASP A 1 60 ? -13.023 -4.496  -2.109  1.00 10.30 ? 60  ASP A N   1 
ATOM   449 C  CA  . ASP A 1 60 ? -13.093 -3.050  -2.012  1.00 11.71 ? 60  ASP A CA  1 
ATOM   450 C  C   . ASP A 1 60 ? -11.627 -2.599  -2.169  1.00 11.64 ? 60  ASP A C   1 
ATOM   451 O  O   . ASP A 1 60 ? -10.696 -3.333  -1.820  1.00 10.46 ? 60  ASP A O   1 
ATOM   452 C  CB  . ASP A 1 60 ? -13.670 -2.634  -0.653  1.00 13.13 ? 60  ASP A CB  1 
ATOM   453 C  CG  . ASP A 1 60 ? -14.116 -1.173  -0.619  1.00 15.66 ? 60  ASP A CG  1 
ATOM   454 O  OD1 . ASP A 1 60 ? -14.064 -0.479  -1.667  1.00 14.39 ? 60  ASP A OD1 1 
ATOM   455 O  OD2 . ASP A 1 60 ? -14.520 -0.717  0.477   1.00 18.75 ? 60  ASP A OD2 1 
ATOM   456 N  N   . GLN A 1 61 ? -11.417 -1.415  -2.715  1.00 12.51 ? 61  GLN A N   1 
ATOM   457 C  CA  . GLN A 1 61 ? -10.061 -0.938  -2.946  1.00 12.99 ? 61  GLN A CA  1 
ATOM   458 C  C   . GLN A 1 61 ? -9.987  0.580   -2.946  1.00 12.34 ? 61  GLN A C   1 
ATOM   459 O  O   . GLN A 1 61 ? -11.002 1.265   -2.961  1.00 12.34 ? 61  GLN A O   1 
ATOM   460 C  CB  . GLN A 1 61 ? -9.574  -1.452  -4.306  1.00 14.32 ? 61  GLN A CB  1 
ATOM   461 C  CG  . GLN A 1 61 ? -10.487 -1.033  -5.459  1.00 16.23 ? 61  GLN A CG  1 
ATOM   462 C  CD  . GLN A 1 61 ? -10.004 -1.482  -6.826  1.00 15.79 ? 61  GLN A CD  1 
ATOM   463 O  OE1 . GLN A 1 61 ? -10.056 -2.661  -7.162  1.00 18.20 ? 61  GLN A OE1 1 
ATOM   464 N  NE2 . GLN A 1 61 ? -9.553  -0.538  -7.625  1.00 16.42 ? 61  GLN A NE2 1 
ATOM   465 N  N   . ILE A 1 62 ? -8.770  1.101   -2.931  1.00 12.22 ? 62  ILE A N   1 
ATOM   466 C  CA  . ILE A 1 62 ? -8.563  2.539   -2.977  1.00 11.39 ? 62  ILE A CA  1 
ATOM   467 C  C   . ILE A 1 62 ? -7.313  2.821   -3.793  1.00 9.93  ? 62  ILE A C   1 
ATOM   468 O  O   . ILE A 1 62 ? -6.302  2.128   -3.648  1.00 7.78  ? 62  ILE A O   1 
ATOM   469 C  CB  . ILE A 1 62 ? -8.421  3.164   -1.565  1.00 13.97 ? 62  ILE A CB  1 
ATOM   470 C  CG1 . ILE A 1 62 ? -8.162  4.669   -1.696  1.00 15.37 ? 62  ILE A CG1 1 
ATOM   471 C  CG2 . ILE A 1 62 ? -7.305  2.478   -0.758  1.00 14.44 ? 62  ILE A CG2 1 
ATOM   472 C  CD1 . ILE A 1 62 ? -7.681  5.323   -0.412  1.00 17.86 ? 62  ILE A CD1 1 
ATOM   473 N  N   . GLU A 1 63 ? -7.417  3.770   -4.715  1.00 8.15  ? 63  GLU A N   1 
ATOM   474 C  CA  . GLU A 1 63 ? -6.269  4.159   -5.534  1.00 7.93  ? 63  GLU A CA  1 
ATOM   475 C  C   . GLU A 1 63 ? -5.608  5.412   -4.940  1.00 7.87  ? 63  GLU A C   1 
ATOM   476 O  O   . GLU A 1 63 ? -6.274  6.421   -4.692  1.00 5.97  ? 63  GLU A O   1 
ATOM   477 C  CB  . GLU A 1 63 ? -6.702  4.425   -6.971  1.00 7.42  ? 63  GLU A CB  1 
ATOM   478 C  CG  . GLU A 1 63 ? -5.613  5.021   -7.837  1.00 7.96  ? 63  GLU A CG  1 
ATOM   479 C  CD  . GLU A 1 63 ? -6.152  5.497   -9.163  1.00 10.77 ? 63  GLU A CD  1 
ATOM   480 O  OE1 . GLU A 1 63 ? -6.582  6.670   -9.242  1.00 11.51 ? 63  GLU A OE1 1 
ATOM   481 O  OE2 . GLU A 1 63 ? -6.163  4.700   -10.122 1.00 11.97 ? 63  GLU A OE2 1 
ATOM   482 N  N   . VAL A 1 64 ? -4.328  5.297   -4.599  1.00 6.97  ? 64  VAL A N   1 
ATOM   483 C  CA  . VAL A 1 64 ? -3.590  6.424   -4.031  1.00 6.82  ? 64  VAL A CA  1 
ATOM   484 C  C   . VAL A 1 64 ? -2.616  6.991   -5.058  1.00 5.24  ? 64  VAL A C   1 
ATOM   485 O  O   . VAL A 1 64 ? -1.818  6.255   -5.651  1.00 4.88  ? 64  VAL A O   1 
ATOM   486 C  CB  . VAL A 1 64 ? -2.824  6.033   -2.731  1.00 7.48  ? 64  VAL A CB  1 
ATOM   487 C  CG1 . VAL A 1 64 ? -3.805  5.711   -1.624  1.00 8.60  ? 64  VAL A CG1 1 
ATOM   488 C  CG2 . VAL A 1 64 ? -1.907  4.836   -2.983  1.00 8.15  ? 64  VAL A CG2 1 
ATOM   489 N  N   . VAL A 1 65 ? -2.682  8.297   -5.276  1.00 5.07  ? 65  VAL A N   1 
ATOM   490 C  CA  . VAL A 1 65 ? -1.802  8.926   -6.247  1.00 5.91  ? 65  VAL A CA  1 
ATOM   491 C  C   . VAL A 1 65 ? -0.934  10.006  -5.619  1.00 5.77  ? 65  VAL A C   1 
ATOM   492 O  O   . VAL A 1 65 ? -0.191  10.681  -6.308  1.00 5.19  ? 65  VAL A O   1 
ATOM   493 C  CB  . VAL A 1 65 ? -2.606  9.515   -7.414  1.00 7.14  ? 65  VAL A CB  1 
ATOM   494 C  CG1 . VAL A 1 65 ? -3.378  8.396   -8.093  1.00 7.52  ? 65  VAL A CG1 1 
ATOM   495 C  CG2 . VAL A 1 65 ? -3.540  10.622  -6.918  1.00 7.43  ? 65  VAL A CG2 1 
ATOM   496 N  N   . ALA A 1 66 ? -1.036  10.126  -4.300  1.00 5.26  ? 66  ALA A N   1 
ATOM   497 C  CA  . ALA A 1 66 ? -0.302  11.096  -3.515  1.00 5.45  ? 66  ALA A CA  1 
ATOM   498 C  C   . ALA A 1 66 ? -0.341  10.644  -2.060  1.00 6.27  ? 66  ALA A C   1 
ATOM   499 O  O   . ALA A 1 66 ? -1.082  9.711   -1.701  1.00 6.27  ? 66  ALA A O   1 
ATOM   500 C  CB  . ALA A 1 66 ? -0.929  12.474  -3.653  1.00 6.79  ? 66  ALA A CB  1 
ATOM   501 N  N   . ASN A 1 67 ? 0.444   11.315  -1.215  1.00 5.00  ? 67  ASN A N   1 
ATOM   502 C  CA  . ASN A 1 67 ? 0.512   10.973  0.199   1.00 6.58  ? 67  ASN A CA  1 
ATOM   503 C  C   . ASN A 1 67 ? -0.865  10.861  0.852   1.00 6.32  ? 67  ASN A C   1 
ATOM   504 O  O   . ASN A 1 67 ? -1.766  11.638  0.554   1.00 6.85  ? 67  ASN A O   1 
ATOM   505 C  CB  . ASN A 1 67 ? 1.374   11.989  0.954   1.00 5.48  ? 67  ASN A CB  1 
ATOM   506 C  CG  . ASN A 1 67 ? 2.849   11.823  0.665   1.00 5.57  ? 67  ASN A CG  1 
ATOM   507 O  OD1 . ASN A 1 67 ? 3.250   10.977  -0.150  1.00 5.26  ? 67  ASN A OD1 1 
ATOM   508 N  ND2 . ASN A 1 67 ? 3.666   12.598  1.357   1.00 5.47  ? 67  ASN A ND2 1 
ATOM   509 N  N   . ALA A 1 68 ? -1.025  9.856   1.705   1.00 6.89  ? 68  ALA A N   1 
ATOM   510 C  CA  . ALA A 1 68 ? -2.293  9.619   2.402   1.00 7.64  ? 68  ALA A CA  1 
ATOM   511 C  C   . ALA A 1 68 ? -2.006  9.290   3.854   1.00 7.76  ? 68  ALA A C   1 
ATOM   512 O  O   . ALA A 1 68 ? -1.540  8.194   4.164   1.00 7.74  ? 68  ALA A O   1 
ATOM   513 C  CB  . ALA A 1 68 ? -3.049  8.474   1.743   1.00 6.88  ? 68  ALA A CB  1 
ATOM   514 N  N   . GLU A 1 69 ? -2.249  10.255  4.731   1.00 8.79  ? 69  GLU A N   1 
ATOM   515 C  CA  . GLU A 1 69 ? -2.025  10.104  6.172   1.00 12.07 ? 69  GLU A CA  1 
ATOM   516 C  C   . GLU A 1 69 ? -2.936  9.059   6.816   1.00 11.49 ? 69  GLU A C   1 
ATOM   517 O  O   . GLU A 1 69 ? -2.687  8.608   7.932   1.00 9.54  ? 69  GLU A O   1 
ATOM   518 C  CB  . GLU A 1 69 ? -2.253  11.441  6.889   1.00 15.55 ? 69  GLU A CB  1 
ATOM   519 C  CG  . GLU A 1 69 ? -3.731  11.877  6.904   1.00 20.41 ? 69  GLU A CG  1 
ATOM   520 C  CD  . GLU A 1 69 ? -4.007  13.038  7.850   1.00 23.57 ? 69  GLU A CD  1 
ATOM   521 O  OE1 . GLU A 1 69 ? -3.729  14.193  7.457   1.00 24.62 ? 69  GLU A OE1 1 
ATOM   522 O  OE2 . GLU A 1 69 ? -4.513  12.791  8.974   1.00 25.00 ? 69  GLU A OE2 1 
ATOM   523 N  N   . GLU A 1 70 ? -4.051  8.771   6.160   1.00 12.01 ? 70  GLU A N   1 
ATOM   524 C  CA  . GLU A 1 70 ? -4.998  7.790   6.662   1.00 13.27 ? 70  GLU A CA  1 
ATOM   525 C  C   . GLU A 1 70 ? -5.679  7.105   5.478   1.00 12.46 ? 70  GLU A C   1 
ATOM   526 O  O   . GLU A 1 70 ? -5.637  7.610   4.355   1.00 12.22 ? 70  GLU A O   1 
ATOM   527 C  CB  . GLU A 1 70 ? -6.005  8.455   7.603   1.00 15.53 ? 70  GLU A CB  1 
ATOM   528 C  CG  . GLU A 1 70 ? -7.005  9.374   6.950   1.00 20.01 ? 70  GLU A CG  1 
ATOM   529 C  CD  . GLU A 1 70 ? -8.410  9.164   7.503   1.00 24.82 ? 70  GLU A CD  1 
ATOM   530 O  OE1 . GLU A 1 70 ? -8.617  8.224   8.315   1.00 26.94 ? 70  GLU A OE1 1 
ATOM   531 O  OE2 . GLU A 1 70 ? -9.318  9.931   7.113   1.00 28.40 ? 70  GLU A OE2 1 
ATOM   532 N  N   . LEU A 1 71 ? -6.329  5.975   5.730   1.00 11.97 ? 71  LEU A N   1 
ATOM   533 C  CA  . LEU A 1 71 ? -6.957  5.193   4.666   1.00 11.18 ? 71  LEU A CA  1 
ATOM   534 C  C   . LEU A 1 71 ? -8.445  4.908   4.867   1.00 11.77 ? 71  LEU A C   1 
ATOM   535 O  O   . LEU A 1 71 ? -9.002  4.013   4.222   1.00 10.25 ? 71  LEU A O   1 
ATOM   536 C  CB  . LEU A 1 71 ? -6.199  3.866   4.497   1.00 10.07 ? 71  LEU A CB  1 
ATOM   537 C  CG  . LEU A 1 71 ? -4.735  3.958   4.058   1.00 9.27  ? 71  LEU A CG  1 
ATOM   538 C  CD1 . LEU A 1 71 ? -4.132  2.582   4.066   1.00 9.99  ? 71  LEU A CD1 1 
ATOM   539 C  CD2 . LEU A 1 71 ? -4.616  4.594   2.676   1.00 8.32  ? 71  LEU A CD2 1 
ATOM   540 N  N   . GLY A 1 72 ? -9.065  5.641   5.789   1.00 10.71 ? 72  GLY A N   1 
ATOM   541 C  CA  . GLY A 1 72 ? -10.475 5.458   6.044   1.00 12.24 ? 72  GLY A CA  1 
ATOM   542 C  C   . GLY A 1 72 ? -10.864 4.010   6.266   1.00 12.02 ? 72  GLY A C   1 
ATOM   543 O  O   . GLY A 1 72 ? -10.267 3.339   7.106   1.00 12.42 ? 72  GLY A O   1 
ATOM   544 N  N   . PRO A 1 73 ? -11.808 3.479   5.468   1.00 12.44 ? 73  PRO A N   1 
ATOM   545 C  CA  . PRO A 1 73 ? -12.288 2.091   5.580   1.00 12.53 ? 73  PRO A CA  1 
ATOM   546 C  C   . PRO A 1 73 ? -11.266 0.975   5.308   1.00 11.05 ? 73  PRO A C   1 
ATOM   547 O  O   . PRO A 1 73 ? -11.444 -0.147  5.767   1.00 9.97  ? 73  PRO A O   1 
ATOM   548 C  CB  . PRO A 1 73 ? -13.480 2.062   4.613   1.00 12.70 ? 73  PRO A CB  1 
ATOM   549 C  CG  . PRO A 1 73 ? -13.074 3.064   3.556   1.00 13.20 ? 73  PRO A CG  1 
ATOM   550 C  CD  . PRO A 1 73 ? -12.498 4.194   4.377   1.00 11.92 ? 73  PRO A CD  1 
ATOM   551 N  N   . LEU A 1 74 ? -10.218 1.267   4.542   1.00 9.75  ? 74  LEU A N   1 
ATOM   552 C  CA  . LEU A 1 74 ? -9.207  0.256   4.272   1.00 9.60  ? 74  LEU A CA  1 
ATOM   553 C  C   . LEU A 1 74 ? -8.080  0.240   5.313   1.00 9.74  ? 74  LEU A C   1 
ATOM   554 O  O   . LEU A 1 74 ? -7.111  -0.509  5.181   1.00 9.93  ? 74  LEU A O   1 
ATOM   555 C  CB  . LEU A 1 74 ? -8.657  0.381   2.846   1.00 12.21 ? 74  LEU A CB  1 
ATOM   556 C  CG  . LEU A 1 74 ? -9.414  -0.480  1.815   1.00 15.11 ? 74  LEU A CG  1 
ATOM   557 C  CD1 . LEU A 1 74 ? -10.676 0.233   1.333   1.00 14.69 ? 74  LEU A CD1 1 
ATOM   558 C  CD2 . LEU A 1 74 ? -8.514  -0.810  0.634   1.00 14.70 ? 74  LEU A CD2 1 
ATOM   559 N  N   . ASN A 1 75 ? -8.200  1.074   6.342   1.00 8.17  ? 75  ASN A N   1 
ATOM   560 C  CA  . ASN A 1 75 ? -7.192  1.106   7.382   1.00 8.13  ? 75  ASN A CA  1 
ATOM   561 C  C   . ASN A 1 75 ? -7.119  -0.282  8.004   1.00 8.71  ? 75  ASN A C   1 
ATOM   562 O  O   . ASN A 1 75 ? -8.155  -0.861  8.345   1.00 8.65  ? 75  ASN A O   1 
ATOM   563 C  CB  . ASN A 1 75 ? -7.560  2.133   8.456   1.00 9.13  ? 75  ASN A CB  1 
ATOM   564 C  CG  . ASN A 1 75 ? -6.666  2.039   9.678   1.00 9.17  ? 75  ASN A CG  1 
ATOM   565 O  OD1 . ASN A 1 75 ? -5.463  2.249   9.598   1.00 9.62  ? 75  ASN A OD1 1 
ATOM   566 N  ND2 . ASN A 1 75 ? -7.248  1.671   10.809  1.00 10.57 ? 75  ASN A ND2 1 
ATOM   567 N  N   . ASN A 1 76 ? -5.903  -0.813  8.159   1.00 8.39  ? 76  ASN A N   1 
ATOM   568 C  CA  . ASN A 1 76 ? -5.710  -2.143  8.744   1.00 7.92  ? 76  ASN A CA  1 
ATOM   569 C  C   . ASN A 1 76 ? -6.620  -3.171  8.059   1.00 7.81  ? 76  ASN A C   1 
ATOM   570 O  O   . ASN A 1 76 ? -7.205  -4.046  8.706   1.00 7.90  ? 76  ASN A O   1 
ATOM   571 C  CB  . ASN A 1 76 ? -5.976  -2.121  10.261  1.00 8.81  ? 76  ASN A CB  1 
ATOM   572 C  CG  . ASN A 1 76 ? -4.872  -1.404  11.060  1.00 8.74  ? 76  ASN A CG  1 
ATOM   573 O  OD1 . ASN A 1 76 ? -3.778  -1.109  10.549  1.00 7.90  ? 76  ASN A OD1 1 
ATOM   574 N  ND2 . ASN A 1 76 ? -5.140  -1.166  12.333  1.00 7.15  ? 76  ASN A ND2 1 
ATOM   575 N  N   . ASN A 1 77 ? -6.713  -3.074  6.739   1.00 7.83  ? 77  ASN A N   1 
ATOM   576 C  CA  . ASN A 1 77 ? -7.556  -3.960  5.952   1.00 8.56  ? 77  ASN A CA  1 
ATOM   577 C  C   . ASN A 1 77 ? -7.010  -4.202  4.563   1.00 7.51  ? 77  ASN A C   1 
ATOM   578 O  O   . ASN A 1 77 ? -7.783  -4.471  3.653   1.00 8.54  ? 77  ASN A O   1 
ATOM   579 C  CB  . ASN A 1 77 ? -8.970  -3.378  5.811   1.00 9.60  ? 77  ASN A CB  1 
ATOM   580 C  CG  . ASN A 1 77 ? -9.933  -3.892  6.869   1.00 12.30 ? 77  ASN A CG  1 
ATOM   581 O  OD1 . ASN A 1 77 ? -9.929  -5.074  7.213   1.00 13.03 ? 77  ASN A OD1 1 
ATOM   582 N  ND2 . ASN A 1 77 ? -10.782 -3.002  7.378   1.00 13.42 ? 77  ASN A ND2 1 
ATOM   583 N  N   . VAL A 1 78 ? -5.712  -4.026  4.357   1.00 6.97  ? 78  VAL A N   1 
ATOM   584 C  CA  . VAL A 1 78 ? -5.128  -4.253  3.031   1.00 7.49  ? 78  VAL A CA  1 
ATOM   585 C  C   . VAL A 1 78 ? -4.460  -5.630  2.971   1.00 6.32  ? 78  VAL A C   1 
ATOM   586 O  O   . VAL A 1 78 ? -3.636  -5.965  3.823   1.00 6.93  ? 78  VAL A O   1 
ATOM   587 C  CB  . VAL A 1 78 ? -4.134  -3.120  2.634   1.00 8.11  ? 78  VAL A CB  1 
ATOM   588 C  CG1 . VAL A 1 78 ? -3.505  -3.397  1.281   1.00 7.81  ? 78  VAL A CG1 1 
ATOM   589 C  CG2 . VAL A 1 78 ? -4.862  -1.772  2.580   1.00 9.31  ? 78  VAL A CG2 1 
ATOM   590 N  N   . SER A 1 79 ? -4.821  -6.425  1.967   1.00 5.85  ? 79  SER A N   1 
ATOM   591 C  CA  . SER A 1 79 ? -4.267  -7.764  1.825   1.00 5.59  ? 79  SER A CA  1 
ATOM   592 C  C   . SER A 1 79 ? -3.453  -7.992  0.555   1.00 4.96  ? 79  SER A C   1 
ATOM   593 O  O   . SER A 1 79 ? -2.738  -8.981  0.445   1.00 4.78  ? 79  SER A O   1 
ATOM   594 C  CB  . SER A 1 79 ? -5.369  -8.812  1.953   1.00 5.76  ? 79  SER A CB  1 
ATOM   595 O  OG  . SER A 1 79 ? -6.021  -8.713  3.214   1.00 5.99  ? 79  SER A OG  1 
ATOM   596 N  N   . SER A 1 80 ? -3.605  -7.118  -0.428  1.00 5.44  ? 80  SER A N   1 
ATOM   597 C  CA  . SER A 1 80 ? -2.820  -7.210  -1.658  1.00 4.94  ? 80  SER A CA  1 
ATOM   598 C  C   . SER A 1 80 ? -2.648  -5.800  -2.217  1.00 5.43  ? 80  SER A C   1 
ATOM   599 O  O   . SER A 1 80 ? -3.428  -4.894  -1.878  1.00 5.16  ? 80  SER A O   1 
ATOM   600 C  CB  . SER A 1 80 ? -3.411  -8.214  -2.670  1.00 5.51  ? 80  SER A CB  1 
ATOM   601 O  OG  . SER A 1 80 ? -4.723  -7.880  -3.093  1.00 4.38  ? 80  SER A OG  1 
ATOM   602 N  N   . ILE A 1 81 ? -1.582  -5.590  -2.991  1.00 4.53  ? 81  ILE A N   1 
ATOM   603 C  CA  . ILE A 1 81 ? -1.267  -4.264  -3.540  1.00 4.94  ? 81  ILE A CA  1 
ATOM   604 C  C   . ILE A 1 81 ? -0.609  -4.347  -4.931  1.00 4.80  ? 81  ILE A C   1 
ATOM   605 O  O   . ILE A 1 81 ? 0.176   -5.260  -5.207  1.00 4.95  ? 81  ILE A O   1 
ATOM   606 C  CB  . ILE A 1 81 ? -0.222  -3.502  -2.618  1.00 6.60  ? 81  ILE A CB  1 
ATOM   607 C  CG1 . ILE A 1 81 ? -0.700  -3.426  -1.163  1.00 6.57  ? 81  ILE A CG1 1 
ATOM   608 C  CG2 . ILE A 1 81 ? 0.049   -2.091  -3.141  1.00 6.29  ? 81  ILE A CG2 1 
ATOM   609 C  CD1 . ILE A 1 81 ? 0.348   -2.848  -0.190  1.00 3.21  ? 81  ILE A CD1 1 
ATOM   610 N  N   . ARG A 1 82 ? -0.950  -3.398  -5.800  1.00 4.14  ? 82  ARG A N   1 
ATOM   611 C  CA  . ARG A 1 82 ? -0.343  -3.294  -7.134  1.00 3.89  ? 82  ARG A CA  1 
ATOM   612 C  C   . ARG A 1 82 ? 0.264   -1.887  -7.189  1.00 3.84  ? 82  ARG A C   1 
ATOM   613 O  O   . ARG A 1 82 ? -0.435  -0.897  -6.968  1.00 4.20  ? 82  ARG A O   1 
ATOM   614 C  CB  . ARG A 1 82 ? -1.385  -3.454  -8.254  1.00 3.31  ? 82  ARG A CB  1 
ATOM   615 C  CG  . ARG A 1 82 ? -2.075  -4.822  -8.296  1.00 5.33  ? 82  ARG A CG  1 
ATOM   616 C  CD  . ARG A 1 82 ? -2.941  -5.001  -9.547  1.00 7.52  ? 82  ARG A CD  1 
ATOM   617 N  NE  . ARG A 1 82 ? -2.174  -4.709  -10.753 1.00 9.98  ? 82  ARG A NE  1 
ATOM   618 C  CZ  . ARG A 1 82 ? -2.649  -4.101  -11.836 1.00 12.39 ? 82  ARG A CZ  1 
ATOM   619 N  NH1 . ARG A 1 82 ? -3.926  -3.751  -11.914 1.00 12.32 ? 82  ARG A NH1 1 
ATOM   620 N  NH2 . ARG A 1 82 ? -1.837  -3.871  -12.861 1.00 13.33 ? 82  ARG A NH2 1 
ATOM   621 N  N   . VAL A 1 83 ? 1.576   -1.801  -7.337  1.00 4.58  ? 83  VAL A N   1 
ATOM   622 C  CA  . VAL A 1 83 ? 2.250   -0.506  -7.416  1.00 3.94  ? 83  VAL A CA  1 
ATOM   623 C  C   . VAL A 1 83 ? 2.509   -0.294  -8.894  1.00 4.71  ? 83  VAL A C   1 
ATOM   624 O  O   . VAL A 1 83 ? 3.163   -1.104  -9.536  1.00 4.65  ? 83  VAL A O   1 
ATOM   625 C  CB  . VAL A 1 83 ? 3.556   -0.499  -6.589  1.00 3.46  ? 83  VAL A CB  1 
ATOM   626 C  CG1 . VAL A 1 83 ? 4.260   0.860   -6.704  1.00 2.02  ? 83  VAL A CG1 1 
ATOM   627 C  CG2 . VAL A 1 83 ? 3.234   -0.831  -5.116  1.00 3.18  ? 83  VAL A CG2 1 
ATOM   628 N  N   . ILE A 1 84 ? 2.014   0.812   -9.429  1.00 5.87  ? 84  ILE A N   1 
ATOM   629 C  CA  . ILE A 1 84 ? 2.135   1.049   -10.854 1.00 7.84  ? 84  ILE A CA  1 
ATOM   630 C  C   . ILE A 1 84 ? 2.829   2.346   -11.257 1.00 8.76  ? 84  ILE A C   1 
ATOM   631 O  O   . ILE A 1 84 ? 2.493   3.403   -10.743 1.00 8.49  ? 84  ILE A O   1 
ATOM   632 C  CB  . ILE A 1 84 ? 0.713   1.009   -11.487 1.00 7.97  ? 84  ILE A CB  1 
ATOM   633 C  CG1 . ILE A 1 84 ? -0.016  -0.270  -11.047 1.00 7.18  ? 84  ILE A CG1 1 
ATOM   634 C  CG2 . ILE A 1 84 ? 0.813   1.068   -13.000 1.00 9.64  ? 84  ILE A CG2 1 
ATOM   635 C  CD1 . ILE A 1 84 ? -1.506  -0.199  -11.109 1.00 7.46  ? 84  ILE A CD1 1 
ATOM   636 N  N   . SER A 1 85 ? 3.778   2.250   -12.189 1.00 11.42 ? 85  SER A N   1 
ATOM   637 C  CA  . SER A 1 85 ? 4.513   3.407   -12.716 1.00 14.62 ? 85  SER A CA  1 
ATOM   638 C  C   . SER A 1 85 ? 3.616   4.257   -13.617 1.00 17.22 ? 85  SER A C   1 
ATOM   639 O  O   . SER A 1 85 ? 3.023   3.756   -14.570 1.00 16.59 ? 85  SER A O   1 
ATOM   640 C  CB  . SER A 1 85 ? 5.701   2.958   -13.563 1.00 14.10 ? 85  SER A CB  1 
ATOM   641 O  OG  . SER A 1 85 ? 6.534   2.072   -12.855 1.00 18.13 ? 85  SER A OG  1 
ATOM   642 N  N   . VAL A 1 86 ? 3.558   5.554   -13.331 1.00 20.06 ? 86  VAL A N   1 
ATOM   643 C  CA  . VAL A 1 86 ? 2.766   6.506   -14.100 1.00 23.60 ? 86  VAL A CA  1 
ATOM   644 C  C   . VAL A 1 86 ? 3.807   7.552   -14.484 1.00 26.79 ? 86  VAL A C   1 
ATOM   645 O  O   . VAL A 1 86 ? 3.858   8.628   -13.903 1.00 27.24 ? 86  VAL A O   1 
ATOM   646 C  CB  . VAL A 1 86 ? 1.677   7.149   -13.219 1.00 23.27 ? 86  VAL A CB  1 
ATOM   647 C  CG1 . VAL A 1 86 ? 0.803   8.073   -14.043 1.00 25.09 ? 86  VAL A CG1 1 
ATOM   648 C  CG2 . VAL A 1 86 ? 0.837   6.073   -12.553 1.00 23.87 ? 86  VAL A CG2 1 
ATOM   649 N  N   . PRO A 1 87 ? 4.650   7.229   -15.478 1.00 30.37 ? 87  PRO A N   1 
ATOM   650 C  CA  . PRO A 1 87 ? 5.753   8.017   -16.046 1.00 33.26 ? 87  PRO A CA  1 
ATOM   651 C  C   . PRO A 1 87 ? 5.910   9.488   -15.647 1.00 35.74 ? 87  PRO A C   1 
ATOM   652 O  O   . PRO A 1 87 ? 6.919   9.849   -15.039 1.00 37.12 ? 87  PRO A O   1 
ATOM   653 C  CB  . PRO A 1 87 ? 5.562   7.823   -17.542 1.00 33.34 ? 87  PRO A CB  1 
ATOM   654 C  CG  . PRO A 1 87 ? 5.200   6.367   -17.602 1.00 32.90 ? 87  PRO A CG  1 
ATOM   655 C  CD  . PRO A 1 87 ? 4.227   6.187   -16.439 1.00 31.67 ? 87  PRO A CD  1 
ATOM   656 N  N   . VAL A 1 88 ? 4.956   10.337  -16.025 1.00 37.75 ? 88  VAL A N   1 
ATOM   657 C  CA  . VAL A 1 88 ? 5.021   11.762  -15.691 1.00 38.86 ? 88  VAL A CA  1 
ATOM   658 C  C   . VAL A 1 88 ? 4.776   12.026  -14.200 1.00 39.65 ? 88  VAL A C   1 
ATOM   659 C  CB  . VAL A 1 88 ? 4.016   12.599  -16.543 1.00 39.05 ? 88  VAL A CB  1 
ATOM   660 C  CG1 . VAL A 1 88 ? 4.446   12.606  -18.010 1.00 38.50 ? 88  VAL A CG1 1 
ATOM   661 C  CG2 . VAL A 1 88 ? 2.593   12.047  -16.398 1.00 39.04 ? 88  VAL A CG2 1 
ATOM   662 O  OXT . VAL A 1 88 ? 5.779   12.122  -13.455 1.00 40.43 ? 88  VAL A OXT 1 
HETATM 663 CA CA  . CA  B 2 .  ? -2.067  0.060   10.952  1.00 16.85 ? 90  CA  A CA  1 
HETATM 664 CA CA  . CA  C 2 .  ? -7.647  -7.791  4.207   1.00 17.16 ? 145 CA  A CA  1 
HETATM 665 O  O   . HOH D 3 .  ? -13.427 5.382   7.635   1.00 42.60 ? 89  HOH A O   1 
HETATM 666 O  O   . HOH D 3 .  ? -4.509  -1.697  5.774   1.00 16.47 ? 91  HOH A O   1 
HETATM 667 O  O   . HOH D 3 .  ? -8.164  -9.425  4.374   1.00 60.70 ? 92  HOH A O   1 
HETATM 668 O  O   . HOH D 3 .  ? -9.404  -7.287  5.097   1.00 20.87 ? 93  HOH A O   1 
HETATM 669 O  O   . HOH D 3 .  ? 3.174   -12.178 8.779   1.00 27.25 ? 94  HOH A O   1 
HETATM 670 O  O   . HOH D 3 .  ? 0.609   -9.977  4.554   1.00 7.66  ? 95  HOH A O   1 
HETATM 671 O  O   . HOH D 3 .  ? 6.437   -9.115  -5.592  1.00 30.11 ? 96  HOH A O   1 
HETATM 672 O  O   . HOH D 3 .  ? 7.636   -11.090 -1.812  1.00 12.33 ? 97  HOH A O   1 
HETATM 673 O  O   . HOH D 3 .  ? -5.947  4.891   8.009   1.00 10.42 ? 98  HOH A O   1 
HETATM 674 O  O   . HOH D 3 .  ? -6.992  -6.595  3.495   1.00 43.10 ? 99  HOH A O   1 
HETATM 675 O  O   . HOH D 3 .  ? 5.166   0.176   14.385  1.00 12.72 ? 100 HOH A O   1 
HETATM 676 O  O   . HOH D 3 .  ? 8.034   7.731   11.646  1.00 45.34 ? 101 HOH A O   1 
HETATM 677 O  O   . HOH D 3 .  ? 12.373  -0.616  3.005   1.00 26.93 ? 102 HOH A O   1 
HETATM 678 O  O   . HOH D 3 .  ? 5.823   15.946  -15.340 1.00 43.53 ? 103 HOH A O   1 
HETATM 679 O  O   . HOH D 3 .  ? -5.749  7.541   -11.793 1.00 13.00 ? 104 HOH A O   1 
HETATM 680 O  O   . HOH D 3 .  ? -0.573  0.153   1.089   1.00 57.52 ? 105 HOH A O   1 
HETATM 681 O  O   . HOH D 3 .  ? -4.714  9.444   -10.121 1.00 40.71 ? 106 HOH A O   1 
HETATM 682 O  O   . HOH D 3 .  ? 9.423   8.278   5.024   1.00 19.09 ? 107 HOH A O   1 
HETATM 683 O  O   . HOH D 3 .  ? -2.698  0.665   -14.128 1.00 43.59 ? 108 HOH A O   1 
HETATM 684 O  O   . HOH D 3 .  ? -8.060  -26.928 -7.103  1.00 44.30 ? 109 HOH A O   1 
HETATM 685 O  O   . HOH D 3 .  ? 5.757   -5.756  0.855   1.00 48.54 ? 110 HOH A O   1 
HETATM 686 O  O   . HOH D 3 .  ? 0.735   9.804   -8.948  1.00 20.03 ? 111 HOH A O   1 
HETATM 687 O  O   . HOH D 3 .  ? -1.708  -4.357  5.151   1.00 9.41  ? 112 HOH A O   1 
HETATM 688 O  O   . HOH D 3 .  ? 5.720   11.184  -1.684  1.00 19.01 ? 113 HOH A O   1 
HETATM 689 O  O   . HOH D 3 .  ? 11.251  -5.296  2.895   1.00 14.98 ? 114 HOH A O   1 
HETATM 690 O  O   . HOH D 3 .  ? 10.410  -3.923  -0.971  1.00 16.05 ? 115 HOH A O   1 
HETATM 691 O  O   . HOH D 3 .  ? -0.065  7.746   14.374  1.00 23.52 ? 116 HOH A O   1 
HETATM 692 O  O   . HOH D 3 .  ? 6.934   11.777  7.379   1.00 10.63 ? 117 HOH A O   1 
HETATM 693 O  O   . HOH D 3 .  ? -3.808  2.960   -8.768  1.00 59.21 ? 118 HOH A O   1 
HETATM 694 O  O   . HOH D 3 .  ? 2.188   15.192  2.436   1.00 14.87 ? 119 HOH A O   1 
HETATM 695 O  O   . HOH D 3 .  ? 5.935   16.268  -9.771  1.00 40.73 ? 120 HOH A O   1 
HETATM 696 O  O   . HOH D 3 .  ? 7.842   -2.724  15.233  1.00 49.27 ? 121 HOH A O   1 
HETATM 697 O  O   . HOH D 3 .  ? 2.274   12.680  -6.119  1.00 23.09 ? 122 HOH A O   1 
HETATM 698 O  O   . HOH D 3 .  ? 9.543   10.450  -7.838  1.00 19.60 ? 123 HOH A O   1 
HETATM 699 O  O   . HOH D 3 .  ? 14.070  6.176   -1.232  1.00 40.28 ? 124 HOH A O   1 
HETATM 700 O  O   . HOH D 3 .  ? 6.261   3.597   5.296   1.00 48.25 ? 125 HOH A O   1 
HETATM 701 O  O   . HOH D 3 .  ? 15.596  6.331   3.966   1.00 37.40 ? 126 HOH A O   1 
HETATM 702 O  O   . HOH D 3 .  ? 11.178  9.018   -5.326  1.00 24.80 ? 127 HOH A O   1 
HETATM 703 O  O   . HOH D 3 .  ? 9.668   11.212  -13.036 1.00 27.12 ? 128 HOH A O   1 
HETATM 704 O  O   . HOH D 3 .  ? -4.501  13.076  13.555  1.00 39.51 ? 129 HOH A O   1 
HETATM 705 O  O   . HOH D 3 .  ? 11.203  0.558   -11.085 1.00 21.66 ? 130 HOH A O   1 
HETATM 706 O  O   . HOH D 3 .  ? -4.527  10.070  -3.289  1.00 25.22 ? 131 HOH A O   1 
HETATM 707 O  O   . HOH D 3 .  ? 1.198   -3.503  13.881  1.00 40.97 ? 132 HOH A O   1 
HETATM 708 O  O   . HOH D 3 .  ? 0.551   3.274   -16.466 1.00 39.15 ? 133 HOH A O   1 
HETATM 709 O  O   . HOH D 3 .  ? -13.604 -7.458  -6.703  1.00 26.62 ? 134 HOH A O   1 
HETATM 710 O  O   . HOH D 3 .  ? -6.456  -3.209  -15.005 1.00 43.42 ? 135 HOH A O   1 
HETATM 711 O  O   . HOH D 3 .  ? -5.257  -15.029 0.912   1.00 31.77 ? 136 HOH A O   1 
HETATM 712 O  O   . HOH D 3 .  ? -3.150  4.403   13.360  1.00 17.35 ? 137 HOH A O   1 
HETATM 713 O  O   . HOH D 3 .  ? -16.633 -4.512  8.714   1.00 31.88 ? 138 HOH A O   1 
HETATM 714 O  O   . HOH D 3 .  ? -1.069  -16.219 1.652   1.00 20.67 ? 139 HOH A O   1 
HETATM 715 O  O   . HOH D 3 .  ? 8.268   6.416   -1.116  1.00 7.52  ? 140 HOH A O   1 
HETATM 716 O  O   . HOH D 3 .  ? 4.034   -0.445  -13.849 1.00 17.36 ? 141 HOH A O   1 
HETATM 717 O  O   . HOH D 3 .  ? 2.768   8.431   -17.935 1.00 33.28 ? 142 HOH A O   1 
HETATM 718 O  O   . HOH D 3 .  ? -4.478  -14.385 -6.288  1.00 28.41 ? 143 HOH A O   1 
HETATM 719 O  O   . HOH D 3 .  ? 11.615  2.363   -8.128  1.00 16.82 ? 144 HOH A O   1 
HETATM 720 O  O   . HOH D 3 .  ? 6.496   -8.803  10.589  1.00 27.90 ? 146 HOH A O   1 
HETATM 721 O  O   . HOH D 3 .  ? 20.357  8.282   -6.513  1.00 38.51 ? 147 HOH A O   1 
HETATM 722 O  O   . HOH D 3 .  ? -3.970  16.201  9.401   1.00 36.43 ? 148 HOH A O   1 
HETATM 723 O  O   . HOH D 3 .  ? -5.891  -6.394  -10.568 1.00 29.97 ? 149 HOH A O   1 
HETATM 724 O  O   . HOH D 3 .  ? 8.192   9.603   -1.105  1.00 10.21 ? 150 HOH A O   1 
HETATM 725 O  O   . HOH D 3 .  ? 9.950   -5.712  -5.325  1.00 9.45  ? 151 HOH A O   1 
HETATM 726 O  O   . HOH D 3 .  ? -12.727 2.391   0.548   1.00 38.03 ? 152 HOH A O   1 
HETATM 727 O  O   . HOH D 3 .  ? 2.012   -3.222  -11.224 1.00 17.95 ? 153 HOH A O   1 
HETATM 728 O  O   . HOH D 3 .  ? -9.964  6.351   1.685   1.00 39.12 ? 154 HOH A O   1 
HETATM 729 O  O   . HOH D 3 .  ? -5.667  11.247  3.350   1.00 32.40 ? 155 HOH A O   1 
HETATM 730 O  O   . HOH D 3 .  ? -13.285 8.355   4.190   1.00 28.40 ? 156 HOH A O   1 
HETATM 731 O  O   . HOH D 3 .  ? 8.040   4.676   -11.294 1.00 20.17 ? 157 HOH A O   1 
HETATM 732 O  O   . HOH D 3 .  ? -1.284  8.453   -17.693 1.00 40.94 ? 158 HOH A O   1 
HETATM 733 O  O   . HOH D 3 .  ? -2.229  7.034   -12.462 1.00 26.92 ? 159 HOH A O   1 
HETATM 734 O  O   . HOH D 3 .  ? -2.217  13.300  4.623   1.00 32.19 ? 160 HOH A O   1 
HETATM 735 O  O   . HOH D 3 .  ? 5.256   -8.037  -9.982  1.00 12.64 ? 161 HOH A O   1 
HETATM 736 O  O   . HOH D 3 .  ? 11.012  2.690   4.146   1.00 20.30 ? 162 HOH A O   1 
HETATM 737 O  O   . HOH D 3 .  ? -17.108 0.339   3.485   1.00 37.95 ? 163 HOH A O   1 
HETATM 738 O  O   . HOH D 3 .  ? -0.420  13.843  12.892  1.00 42.87 ? 164 HOH A O   1 
HETATM 739 O  O   . HOH D 3 .  ? 5.513   -15.159 -1.111  1.00 33.21 ? 165 HOH A O   1 
HETATM 740 O  O   . HOH D 3 .  ? -1.743  -0.783  12.251  1.00 42.48 ? 166 HOH A O   1 
# 
